data_7B0V
#
_entry.id   7B0V
#
_cell.length_a   130.654
_cell.length_b   221.798
_cell.length_c   85.871
_cell.angle_alpha   90.000
_cell.angle_beta   90.000
_cell.angle_gamma   90.000
#
_symmetry.space_group_name_H-M   'C 2 2 2'
#
loop_
_entity.id
_entity.type
_entity.pdbx_description
1 polymer 'Amine oxidase [flavin-containing] B'
2 non-polymer 'FLAVIN-ADENINE DINUCLEOTIDE'
3 non-polymer (E)-3-phenyl-1-(3-(trifluoromethyl)phenyl)prop-2-en-1-one
4 non-polymer N-DODECYL-N,N-DIMETHYL-3-AMMONIO-1-PROPANESULFONATE
5 non-polymer GLYCEROL
6 water water
#
_entity_poly.entity_id   1
_entity_poly.type   'polypeptide(L)'
_entity_poly.pdbx_seq_one_letter_code
;MSNKCDVVVVGGGISGMAAAKLLHDSGLNVVVLEARDRVGGRTYTLRNQKVKYVDLGGSYVGPTQNRILRLAKELGLETY
KVNEVERLIHHVKGKSYPFRGPFPPVWNPITYLDHNNFWRTMDDMGREIPSDAPWKAPLAEEWDNMTMKELLDKLCWTES
AKQLATLFVNLCVTAETHEVSALWFLWYVKQCGGTTRIISTTNGGQERKFVGGSGQVSERIMDLLGDRVKLERPVIYIDQ
TRENVLVETLNHEMYEAKYVISAIPPTLGMKIHFNPPLPMMRNQMITRVPLGSVIKCIVYYKEPFWRKKDYCGTMIIDGE
EAPVAYTLDDTKPEGNYAAIMGFILAHKARKLARLTKEERLKKLCELYAKVLGSLEALEPVHYEEKNWCEEQYSGGCYTT
YFPPGILTQYGRVLRQPVDRIYFAGTETATHWSGYMEGAVEAGERAAREILHAMGKIPEDEIWQSEPESVDVPAQPITTT
FLERHLPSVPGLLRLIGLTTIFSATALGFLAHKRGLLVRV
;
_entity_poly.pdbx_strand_id   A,B
#
# COMPACT_ATOMS: atom_id res chain seq x y z
N SER A 2 3.98 -35.98 -5.51
CA SER A 2 4.68 -34.73 -5.11
C SER A 2 6.18 -34.84 -5.44
N ASN A 3 6.74 -33.79 -6.05
CA ASN A 3 8.17 -33.71 -6.43
C ASN A 3 8.91 -33.30 -5.16
N LYS A 4 9.85 -34.12 -4.69
CA LYS A 4 10.53 -33.92 -3.38
C LYS A 4 11.85 -33.20 -3.64
N CYS A 5 12.29 -32.33 -2.72
CA CYS A 5 13.62 -31.67 -2.80
C CYS A 5 13.98 -31.14 -1.42
N ASP A 6 15.15 -30.52 -1.29
CA ASP A 6 15.59 -29.85 -0.05
C ASP A 6 14.92 -28.47 0.08
N VAL A 7 15.03 -27.65 -0.98
CA VAL A 7 14.53 -26.23 -0.98
C VAL A 7 13.75 -25.96 -2.26
N VAL A 8 12.52 -25.49 -2.09
CA VAL A 8 11.78 -24.87 -3.21
C VAL A 8 12.10 -23.39 -3.13
N VAL A 9 12.55 -22.81 -4.25
CA VAL A 9 12.73 -21.34 -4.42
C VAL A 9 11.57 -20.84 -5.26
N VAL A 10 10.81 -19.89 -4.74
CA VAL A 10 9.68 -19.24 -5.43
C VAL A 10 10.20 -17.97 -6.12
N GLY A 11 10.27 -17.98 -7.44
CA GLY A 11 10.79 -16.85 -8.21
C GLY A 11 12.14 -17.17 -8.80
N GLY A 12 12.23 -17.09 -10.13
CA GLY A 12 13.47 -17.20 -10.90
C GLY A 12 13.92 -15.84 -11.44
N GLY A 13 13.85 -14.78 -10.63
CA GLY A 13 14.63 -13.55 -10.84
C GLY A 13 16.05 -13.76 -10.39
N ILE A 14 16.87 -12.70 -10.38
CA ILE A 14 18.29 -12.81 -9.96
C ILE A 14 18.35 -13.32 -8.51
N SER A 15 17.47 -12.87 -7.62
CA SER A 15 17.53 -13.25 -6.19
C SER A 15 17.35 -14.75 -6.03
N GLY A 16 16.27 -15.27 -6.59
CA GLY A 16 15.96 -16.69 -6.61
C GLY A 16 17.05 -17.50 -7.30
N MET A 17 17.53 -17.07 -8.46
CA MET A 17 18.52 -17.89 -9.19
C MET A 17 19.86 -17.91 -8.43
N ALA A 18 20.25 -16.81 -7.76
CA ALA A 18 21.49 -16.75 -6.93
C ALA A 18 21.35 -17.67 -5.72
N ALA A 19 20.21 -17.64 -5.04
CA ALA A 19 19.85 -18.57 -3.94
C ALA A 19 19.95 -20.02 -4.42
N ALA A 20 19.26 -20.34 -5.51
CA ALA A 20 19.20 -21.69 -6.10
C ALA A 20 20.64 -22.13 -6.35
N LYS A 21 21.43 -21.27 -6.97
CA LYS A 21 22.81 -21.63 -7.37
C LYS A 21 23.63 -21.95 -6.13
N LEU A 22 23.55 -21.11 -5.10
CA LEU A 22 24.40 -21.28 -3.90
C LEU A 22 24.04 -22.63 -3.28
N LEU A 23 22.73 -22.93 -3.19
CA LEU A 23 22.21 -24.17 -2.54
C LEU A 23 22.66 -25.40 -3.35
N HIS A 24 22.50 -25.34 -4.68
CA HIS A 24 22.93 -26.39 -5.64
C HIS A 24 24.44 -26.62 -5.50
N ASP A 25 25.25 -25.55 -5.46
CA ASP A 25 26.74 -25.65 -5.39
C ASP A 25 27.15 -26.29 -4.06
N SER A 26 26.33 -26.16 -3.02
CA SER A 26 26.61 -26.72 -1.67
CA SER A 26 26.60 -26.71 -1.67
C SER A 26 26.03 -28.14 -1.58
N GLY A 27 25.55 -28.68 -2.69
CA GLY A 27 25.10 -30.07 -2.80
C GLY A 27 23.65 -30.32 -2.40
N LEU A 28 22.77 -29.32 -2.32
CA LEU A 28 21.32 -29.54 -2.05
C LEU A 28 20.54 -29.70 -3.36
N ASN A 29 19.43 -30.42 -3.29
CA ASN A 29 18.44 -30.55 -4.40
C ASN A 29 17.48 -29.37 -4.30
N VAL A 30 17.51 -28.50 -5.28
CA VAL A 30 16.63 -27.30 -5.36
C VAL A 30 15.69 -27.46 -6.54
N VAL A 31 14.53 -26.85 -6.38
CA VAL A 31 13.59 -26.56 -7.47
C VAL A 31 13.32 -25.05 -7.43
N VAL A 32 13.34 -24.42 -8.60
CA VAL A 32 12.87 -23.02 -8.79
C VAL A 32 11.51 -23.08 -9.48
N LEU A 33 10.50 -22.53 -8.81
CA LEU A 33 9.15 -22.37 -9.39
C LEU A 33 9.00 -20.92 -9.85
N GLU A 34 8.89 -20.73 -11.16
CA GLU A 34 8.82 -19.42 -11.83
C GLU A 34 7.47 -19.30 -12.53
N ALA A 35 6.74 -18.22 -12.23
CA ALA A 35 5.39 -17.91 -12.74
C ALA A 35 5.41 -17.81 -14.26
N ARG A 36 6.40 -17.11 -14.83
CA ARG A 36 6.46 -16.74 -16.27
C ARG A 36 7.08 -17.84 -17.14
N ASP A 37 7.00 -17.65 -18.46
CA ASP A 37 7.59 -18.58 -19.44
C ASP A 37 9.06 -18.21 -19.63
N ARG A 38 9.66 -17.51 -18.67
CA ARG A 38 11.08 -17.07 -18.75
C ARG A 38 11.61 -16.79 -17.34
N VAL A 39 12.92 -16.79 -17.19
CA VAL A 39 13.58 -16.32 -15.95
C VAL A 39 13.94 -14.84 -16.12
N GLY A 40 14.47 -14.18 -15.08
CA GLY A 40 14.94 -12.80 -15.13
C GLY A 40 14.07 -11.83 -14.33
N GLY A 41 12.74 -12.00 -14.30
CA GLY A 41 11.81 -11.14 -13.54
C GLY A 41 11.85 -9.70 -14.00
N ARG A 42 12.29 -8.80 -13.11
CA ARG A 42 12.42 -7.35 -13.38
C ARG A 42 13.64 -7.08 -14.28
N THR A 43 14.43 -8.10 -14.64
CA THR A 43 15.38 -7.99 -15.78
C THR A 43 14.74 -8.75 -16.95
N TYR A 44 14.85 -8.19 -18.15
CA TYR A 44 14.32 -8.77 -19.41
C TYR A 44 15.10 -8.16 -20.56
N THR A 45 15.93 -8.96 -21.18
CA THR A 45 16.71 -8.64 -22.38
C THR A 45 15.96 -9.12 -23.61
N LEU A 46 15.46 -8.17 -24.43
CA LEU A 46 14.76 -8.46 -25.71
C LEU A 46 15.84 -8.59 -26.79
N ARG A 47 15.77 -9.62 -27.62
CA ARG A 47 16.65 -9.84 -28.80
C ARG A 47 15.79 -9.87 -30.06
N ASN A 48 16.14 -9.02 -31.03
CA ASN A 48 15.59 -9.02 -32.42
C ASN A 48 16.67 -8.39 -33.31
N GLN A 49 16.48 -8.42 -34.61
CA GLN A 49 17.52 -8.00 -35.59
C GLN A 49 17.67 -6.48 -35.51
N LYS A 50 16.59 -5.76 -35.20
CA LYS A 50 16.64 -4.28 -35.18
C LYS A 50 17.55 -3.80 -34.05
N VAL A 51 17.58 -4.45 -32.88
CA VAL A 51 18.29 -3.90 -31.67
C VAL A 51 19.48 -4.77 -31.30
N LYS A 52 19.57 -5.95 -31.89
CA LYS A 52 20.45 -7.08 -31.47
C LYS A 52 20.08 -7.54 -30.05
N TYR A 53 20.25 -6.70 -29.03
CA TYR A 53 19.75 -6.98 -27.66
C TYR A 53 19.42 -5.64 -27.01
N VAL A 54 18.48 -5.63 -26.07
CA VAL A 54 18.23 -4.43 -25.22
C VAL A 54 17.60 -4.86 -23.89
N ASP A 55 18.09 -4.24 -22.84
CA ASP A 55 17.52 -4.38 -21.48
C ASP A 55 16.28 -3.50 -21.42
N LEU A 56 15.10 -4.11 -21.35
CA LEU A 56 13.82 -3.43 -21.06
C LEU A 56 13.55 -3.34 -19.57
N GLY A 57 14.23 -4.13 -18.72
CA GLY A 57 14.22 -4.00 -17.24
C GLY A 57 15.58 -3.56 -16.70
N GLY A 58 15.92 -4.01 -15.49
CA GLY A 58 17.22 -3.71 -14.83
C GLY A 58 18.38 -3.88 -15.80
N SER A 59 19.32 -2.94 -15.78
CA SER A 59 20.44 -2.87 -16.77
C SER A 59 21.79 -2.49 -16.12
N TYR A 60 21.82 -1.41 -15.32
CA TYR A 60 23.06 -0.72 -14.91
C TYR A 60 23.65 -1.48 -13.72
N VAL A 61 24.97 -1.60 -13.73
CA VAL A 61 25.75 -2.03 -12.55
C VAL A 61 26.92 -1.05 -12.42
N GLY A 62 27.48 -0.93 -11.21
CA GLY A 62 28.52 0.06 -10.92
C GLY A 62 29.42 -0.37 -9.77
N PRO A 63 30.45 0.46 -9.47
CA PRO A 63 31.31 0.25 -8.30
C PRO A 63 30.54 0.15 -6.98
N THR A 64 31.03 -0.75 -6.12
CA THR A 64 30.49 -1.16 -4.79
C THR A 64 29.40 -2.24 -4.96
N GLN A 65 28.98 -2.54 -6.18
CA GLN A 65 28.00 -3.63 -6.45
C GLN A 65 28.80 -4.91 -6.74
N ASN A 66 29.55 -5.37 -5.75
CA ASN A 66 30.59 -6.42 -5.98
C ASN A 66 29.95 -7.80 -6.12
N ARG A 67 28.75 -8.03 -5.56
CA ARG A 67 28.15 -9.40 -5.61
C ARG A 67 27.62 -9.68 -7.02
N ILE A 68 26.89 -8.75 -7.64
CA ILE A 68 26.36 -8.96 -9.03
C ILE A 68 27.54 -9.05 -10.02
N LEU A 69 28.60 -8.26 -9.83
CA LEU A 69 29.83 -8.32 -10.66
C LEU A 69 30.54 -9.69 -10.51
N ARG A 70 30.72 -10.19 -9.29
CA ARG A 70 31.30 -11.55 -9.09
C ARG A 70 30.38 -12.58 -9.76
N LEU A 71 29.07 -12.53 -9.55
CA LEU A 71 28.17 -13.60 -10.05
C LEU A 71 28.23 -13.61 -11.57
N ALA A 72 28.03 -12.45 -12.16
CA ALA A 72 28.09 -12.25 -13.62
C ALA A 72 29.49 -12.67 -14.17
N LYS A 73 30.60 -12.26 -13.55
CA LYS A 73 31.95 -12.69 -14.01
C LYS A 73 32.03 -14.22 -14.01
N GLU A 74 31.63 -14.88 -12.94
CA GLU A 74 31.73 -16.35 -12.83
C GLU A 74 30.88 -17.00 -13.93
N LEU A 75 29.79 -16.37 -14.33
CA LEU A 75 28.89 -16.88 -15.40
C LEU A 75 29.45 -16.54 -16.79
N GLY A 76 30.56 -15.81 -16.91
CA GLY A 76 31.22 -15.56 -18.21
C GLY A 76 30.84 -14.21 -18.83
N LEU A 77 30.19 -13.32 -18.09
CA LEU A 77 29.72 -12.03 -18.65
C LEU A 77 30.79 -10.93 -18.48
N GLU A 78 30.76 -9.96 -19.40
CA GLU A 78 31.58 -8.74 -19.42
C GLU A 78 30.65 -7.54 -19.21
N THR A 79 31.24 -6.42 -18.78
CA THR A 79 30.58 -5.09 -18.68
C THR A 79 31.26 -4.16 -19.69
N TYR A 80 30.54 -3.14 -20.12
CA TYR A 80 31.08 -1.97 -20.85
C TYR A 80 30.53 -0.72 -20.15
N LYS A 81 31.20 0.39 -20.39
CA LYS A 81 30.91 1.70 -19.75
C LYS A 81 29.82 2.42 -20.53
N VAL A 82 28.78 2.85 -19.83
CA VAL A 82 27.78 3.81 -20.40
C VAL A 82 28.57 5.06 -20.84
N ASN A 83 28.28 5.55 -22.04
CA ASN A 83 28.93 6.76 -22.59
C ASN A 83 28.71 7.97 -21.68
N GLU A 84 29.79 8.42 -21.04
CA GLU A 84 29.81 9.73 -20.35
C GLU A 84 31.04 10.55 -20.78
N VAL A 85 31.46 10.43 -22.04
CA VAL A 85 32.66 11.14 -22.56
C VAL A 85 32.29 12.63 -22.73
N GLU A 86 31.19 12.95 -23.38
CA GLU A 86 30.80 14.35 -23.67
C GLU A 86 29.99 14.90 -22.48
N ARG A 87 29.31 16.02 -22.69
CA ARG A 87 28.65 16.79 -21.61
C ARG A 87 27.26 16.22 -21.29
N LEU A 88 26.90 16.34 -20.03
CA LEU A 88 25.53 16.07 -19.53
C LEU A 88 24.70 17.31 -19.82
N ILE A 89 23.39 17.19 -19.82
CA ILE A 89 22.46 18.34 -20.02
C ILE A 89 21.50 18.33 -18.84
N HIS A 90 21.33 19.49 -18.20
CA HIS A 90 20.23 19.81 -17.26
C HIS A 90 19.29 20.75 -17.99
N HIS A 91 18.07 20.30 -18.31
CA HIS A 91 17.06 21.09 -19.05
C HIS A 91 16.08 21.64 -18.02
N VAL A 92 16.05 22.97 -17.81
CA VAL A 92 15.17 23.64 -16.81
C VAL A 92 14.55 24.88 -17.43
N LYS A 93 13.23 25.02 -17.30
CA LYS A 93 12.46 26.19 -17.82
C LYS A 93 12.68 26.35 -19.33
N GLY A 94 12.60 25.25 -20.07
CA GLY A 94 12.64 25.27 -21.54
C GLY A 94 14.03 25.45 -22.12
N LYS A 95 15.12 25.44 -21.32
CA LYS A 95 16.51 25.65 -21.82
C LYS A 95 17.46 24.55 -21.31
N SER A 96 18.42 24.15 -22.15
CA SER A 96 19.43 23.10 -21.86
C SER A 96 20.75 23.75 -21.39
N TYR A 97 21.25 23.35 -20.22
CA TYR A 97 22.53 23.84 -19.61
C TYR A 97 23.49 22.66 -19.58
N PRO A 98 24.43 22.57 -20.52
CA PRO A 98 25.41 21.49 -20.50
C PRO A 98 26.34 21.61 -19.28
N PHE A 99 26.80 20.49 -18.75
CA PHE A 99 27.72 20.47 -17.60
C PHE A 99 28.53 19.18 -17.60
N ARG A 100 29.46 19.14 -16.64
CA ARG A 100 30.37 18.01 -16.34
C ARG A 100 30.37 17.83 -14.83
N GLY A 101 30.69 16.62 -14.36
CA GLY A 101 30.59 16.22 -12.95
C GLY A 101 29.20 15.66 -12.71
N PRO A 102 28.97 14.94 -11.60
CA PRO A 102 27.71 14.23 -11.39
C PRO A 102 26.46 15.10 -11.07
N PHE A 103 26.68 16.20 -10.35
CA PHE A 103 25.60 17.10 -9.86
C PHE A 103 25.39 18.23 -10.86
N PRO A 104 24.15 18.49 -11.31
CA PRO A 104 23.84 19.70 -12.07
C PRO A 104 24.22 20.96 -11.28
N PRO A 105 25.14 21.79 -11.83
CA PRO A 105 25.61 22.98 -11.12
C PRO A 105 24.62 24.15 -11.10
N VAL A 106 24.83 25.06 -10.13
CA VAL A 106 24.13 26.38 -10.11
C VAL A 106 25.20 27.43 -9.84
N TRP A 107 24.88 28.66 -10.23
CA TRP A 107 25.78 29.84 -10.13
C TRP A 107 25.24 30.82 -9.09
N ASN A 108 23.92 30.98 -8.96
CA ASN A 108 23.32 31.92 -7.98
C ASN A 108 23.82 31.49 -6.60
N PRO A 109 24.62 32.30 -5.87
CA PRO A 109 25.19 31.90 -4.59
C PRO A 109 24.20 31.36 -3.56
N ILE A 110 23.03 32.00 -3.44
CA ILE A 110 21.96 31.59 -2.50
C ILE A 110 21.51 30.18 -2.91
N THR A 111 21.22 30.01 -4.20
CA THR A 111 20.78 28.74 -4.82
C THR A 111 21.89 27.70 -4.68
N TYR A 112 23.15 28.10 -4.76
CA TYR A 112 24.30 27.18 -4.52
C TYR A 112 24.28 26.69 -3.06
N LEU A 113 24.04 27.58 -2.09
CA LEU A 113 24.01 27.15 -0.66
C LEU A 113 22.89 26.13 -0.44
N ASP A 114 21.76 26.29 -1.12
CA ASP A 114 20.55 25.47 -0.90
C ASP A 114 20.75 24.10 -1.56
N HIS A 115 21.36 24.06 -2.74
CA HIS A 115 21.64 22.80 -3.47
C HIS A 115 22.64 22.01 -2.65
N ASN A 116 23.73 22.64 -2.26
CA ASN A 116 24.79 21.97 -1.51
C ASN A 116 24.21 21.42 -0.20
N ASN A 117 23.41 22.22 0.49
CA ASN A 117 22.81 21.84 1.80
C ASN A 117 21.80 20.72 1.61
N PHE A 118 21.02 20.73 0.53
CA PHE A 118 20.06 19.65 0.23
C PHE A 118 20.82 18.30 0.18
N TRP A 119 21.77 18.16 -0.74
CA TRP A 119 22.56 16.91 -0.92
C TRP A 119 23.31 16.51 0.37
N ARG A 120 23.88 17.50 1.06
CA ARG A 120 24.69 17.26 2.27
C ARG A 120 23.76 16.71 3.34
N THR A 121 22.54 17.24 3.42
CA THR A 121 21.60 16.88 4.53
C THR A 121 21.00 15.48 4.26
N MET A 122 20.71 15.15 3.00
CA MET A 122 20.32 13.76 2.65
C MET A 122 21.36 12.80 3.25
N ASP A 123 22.65 13.09 3.04
CA ASP A 123 23.73 12.20 3.51
C ASP A 123 23.83 12.32 5.02
N ASP A 124 23.64 13.50 5.61
CA ASP A 124 23.78 13.72 7.08
C ASP A 124 22.73 12.86 7.80
N MET A 125 21.49 12.94 7.32
CA MET A 125 20.36 12.17 7.88
C MET A 125 20.61 10.66 7.68
N GLY A 126 21.05 10.25 6.50
CA GLY A 126 21.35 8.85 6.17
C GLY A 126 22.34 8.24 7.15
N ARG A 127 23.34 9.01 7.59
CA ARG A 127 24.39 8.45 8.50
C ARG A 127 23.80 8.14 9.87
N GLU A 128 22.61 8.63 10.20
CA GLU A 128 21.88 8.31 11.47
C GLU A 128 21.14 6.96 11.36
N ILE A 129 21.02 6.40 10.15
CA ILE A 129 20.04 5.32 9.85
C ILE A 129 20.79 4.02 9.61
N PRO A 130 20.68 3.01 10.50
CA PRO A 130 21.37 1.73 10.26
C PRO A 130 20.82 1.05 8.99
N SER A 131 21.72 0.57 8.14
CA SER A 131 21.46 -0.12 6.86
C SER A 131 20.54 -1.34 7.07
N ASP A 132 20.79 -2.08 8.15
CA ASP A 132 20.13 -3.35 8.47
C ASP A 132 18.91 -3.09 9.37
N ALA A 133 18.66 -1.86 9.85
CA ALA A 133 17.54 -1.61 10.78
C ALA A 133 17.16 -0.14 10.76
N PRO A 134 16.60 0.35 9.63
CA PRO A 134 16.32 1.77 9.49
C PRO A 134 15.42 2.31 10.62
N TRP A 135 14.51 1.48 11.14
CA TRP A 135 13.56 1.79 12.25
C TRP A 135 14.30 2.02 13.59
N LYS A 136 15.62 1.83 13.66
CA LYS A 136 16.41 2.09 14.90
C LYS A 136 17.03 3.48 14.85
N ALA A 137 16.87 4.22 13.74
CA ALA A 137 17.34 5.63 13.64
C ALA A 137 16.77 6.38 14.84
N PRO A 138 17.55 7.23 15.54
CA PRO A 138 17.01 7.95 16.69
C PRO A 138 15.69 8.69 16.41
N LEU A 139 15.52 9.29 15.23
CA LEU A 139 14.27 10.03 14.88
C LEU A 139 13.40 9.23 13.89
N ALA A 140 13.47 7.91 13.93
CA ALA A 140 12.86 7.02 12.91
C ALA A 140 11.37 7.35 12.78
N GLU A 141 10.68 7.50 13.90
CA GLU A 141 9.23 7.74 13.97
C GLU A 141 8.89 9.07 13.30
N GLU A 142 9.59 10.14 13.73
CA GLU A 142 9.47 11.52 13.18
C GLU A 142 9.75 11.50 11.66
N TRP A 143 10.81 10.82 11.21
CA TRP A 143 11.15 10.83 9.76
C TRP A 143 10.17 9.94 8.98
N ASP A 144 9.73 8.83 9.57
CA ASP A 144 8.83 7.88 8.87
C ASP A 144 7.41 8.43 8.80
N ASN A 145 7.07 9.41 9.64
CA ASN A 145 5.70 9.97 9.73
C ASN A 145 5.61 11.21 8.82
N MET A 146 6.64 11.50 8.02
CA MET A 146 6.55 12.58 7.00
C MET A 146 6.91 11.97 5.65
N THR A 147 6.30 12.48 4.59
CA THR A 147 6.65 12.09 3.21
C THR A 147 7.92 12.82 2.78
N MET A 148 8.52 12.37 1.71
CA MET A 148 9.62 13.14 1.10
C MET A 148 9.08 14.48 0.63
N LYS A 149 7.79 14.63 0.29
CA LYS A 149 7.30 16.00 -0.09
C LYS A 149 7.46 16.98 1.09
N GLU A 150 7.02 16.60 2.27
CA GLU A 150 7.15 17.39 3.51
C GLU A 150 8.62 17.68 3.79
N LEU A 151 9.49 16.68 3.71
CA LEU A 151 10.92 16.93 3.99
C LEU A 151 11.46 17.98 3.02
N LEU A 152 11.17 17.91 1.71
CA LEU A 152 11.73 18.87 0.70
C LEU A 152 11.13 20.27 0.95
N ASP A 153 9.85 20.35 1.32
CA ASP A 153 9.20 21.64 1.72
C ASP A 153 9.95 22.24 2.94
N LYS A 154 10.48 21.46 3.88
CA LYS A 154 11.23 22.02 5.04
C LYS A 154 12.67 22.38 4.63
N LEU A 155 13.30 21.60 3.75
CA LEU A 155 14.76 21.63 3.50
C LEU A 155 15.12 22.68 2.45
N CYS A 156 14.34 22.73 1.36
CA CYS A 156 14.67 23.49 0.16
C CYS A 156 14.13 24.91 0.34
N TRP A 157 15.00 25.92 0.42
CA TRP A 157 14.64 27.37 0.53
C TRP A 157 14.56 27.98 -0.86
N THR A 158 14.82 27.20 -1.91
CA THR A 158 14.71 27.62 -3.32
C THR A 158 13.86 26.59 -4.08
N GLU A 159 13.10 27.08 -5.06
CA GLU A 159 12.35 26.23 -6.02
C GLU A 159 13.34 25.42 -6.87
N SER A 160 14.49 26.00 -7.24
CA SER A 160 15.52 25.31 -8.04
C SER A 160 15.87 23.98 -7.33
N ALA A 161 16.19 24.01 -6.04
CA ALA A 161 16.56 22.81 -5.25
C ALA A 161 15.34 21.88 -5.14
N LYS A 162 14.16 22.43 -4.85
CA LYS A 162 12.96 21.59 -4.66
C LYS A 162 12.66 20.82 -5.96
N GLN A 163 12.72 21.48 -7.11
CA GLN A 163 12.48 20.86 -8.44
C GLN A 163 13.55 19.79 -8.70
N LEU A 164 14.82 20.03 -8.41
CA LEU A 164 15.88 19.04 -8.69
C LEU A 164 15.72 17.86 -7.72
N ALA A 165 15.43 18.12 -6.44
CA ALA A 165 15.24 17.07 -5.41
C ALA A 165 14.03 16.20 -5.77
N THR A 166 12.94 16.82 -6.24
CA THR A 166 11.70 16.11 -6.64
C THR A 166 12.07 15.14 -7.78
N LEU A 167 12.81 15.62 -8.79
CA LEU A 167 13.23 14.72 -9.90
C LEU A 167 14.07 13.57 -9.34
N PHE A 168 14.96 13.82 -8.39
CA PHE A 168 15.89 12.82 -7.79
C PHE A 168 15.07 11.67 -7.21
N VAL A 169 14.05 12.00 -6.42
CA VAL A 169 13.12 11.00 -5.82
C VAL A 169 12.38 10.25 -6.94
N ASN A 170 11.78 10.99 -7.89
CA ASN A 170 10.99 10.40 -8.99
C ASN A 170 11.84 9.36 -9.72
N LEU A 171 13.09 9.71 -10.00
CA LEU A 171 13.99 8.91 -10.86
C LEU A 171 14.54 7.72 -10.08
N CYS A 172 14.92 7.92 -8.82
CA CYS A 172 15.54 6.90 -7.95
CA CYS A 172 15.56 6.90 -7.96
C CYS A 172 14.55 5.81 -7.56
N VAL A 173 13.28 6.17 -7.25
CA VAL A 173 12.30 5.23 -6.66
C VAL A 173 10.96 5.27 -7.42
N THR A 174 10.93 5.85 -8.64
CA THR A 174 9.78 5.74 -9.59
C THR A 174 8.47 6.00 -8.82
N ALA A 175 8.52 6.98 -7.93
CA ALA A 175 7.34 7.39 -7.13
C ALA A 175 7.40 8.89 -6.89
N GLU A 176 6.25 9.43 -6.53
CA GLU A 176 6.12 10.87 -6.19
C GLU A 176 6.71 11.08 -4.80
N THR A 177 7.15 12.30 -4.51
CA THR A 177 7.66 12.73 -3.18
C THR A 177 6.57 12.54 -2.11
N HIS A 178 5.30 12.74 -2.47
CA HIS A 178 4.16 12.66 -1.50
C HIS A 178 3.77 11.20 -1.23
N GLU A 179 4.19 10.26 -2.09
CA GLU A 179 3.87 8.81 -1.95
C GLU A 179 4.80 8.14 -0.93
N VAL A 180 6.01 8.65 -0.72
CA VAL A 180 7.05 7.89 0.03
C VAL A 180 7.36 8.52 1.40
N SER A 181 7.60 7.63 2.38
CA SER A 181 8.27 7.91 3.67
C SER A 181 9.60 8.58 3.46
N ALA A 182 9.85 9.63 4.24
CA ALA A 182 11.14 10.33 4.31
C ALA A 182 12.21 9.38 4.86
N LEU A 183 11.88 8.65 5.93
CA LEU A 183 12.81 7.67 6.56
C LEU A 183 13.21 6.62 5.52
N TRP A 184 12.22 6.05 4.85
CA TRP A 184 12.46 4.98 3.84
C TRP A 184 13.34 5.52 2.70
N PHE A 185 13.04 6.69 2.14
CA PHE A 185 13.83 7.23 1.01
C PHE A 185 15.26 7.47 1.47
N LEU A 186 15.44 8.11 2.63
CA LEU A 186 16.75 8.44 3.22
C LEU A 186 17.53 7.15 3.45
N TRP A 187 16.85 6.11 3.94
CA TRP A 187 17.46 4.77 4.12
C TRP A 187 17.93 4.28 2.74
N TYR A 188 17.03 4.33 1.76
CA TYR A 188 17.25 3.76 0.40
C TYR A 188 18.51 4.36 -0.22
N VAL A 189 18.67 5.68 -0.07
CA VAL A 189 19.83 6.39 -0.61
C VAL A 189 21.08 5.99 0.18
N LYS A 190 21.00 5.99 1.50
CA LYS A 190 22.17 5.67 2.36
C LYS A 190 22.68 4.23 2.07
N GLN A 191 21.79 3.26 1.93
CA GLN A 191 22.18 1.83 1.72
C GLN A 191 22.74 1.63 0.32
N CYS A 192 22.65 2.62 -0.57
CA CYS A 192 23.35 2.56 -1.88
C CYS A 192 24.69 3.30 -1.81
N GLY A 193 25.12 3.80 -0.63
CA GLY A 193 26.42 4.48 -0.46
C GLY A 193 26.31 6.01 -0.49
N GLY A 194 25.08 6.56 -0.59
CA GLY A 194 24.78 8.02 -0.53
C GLY A 194 24.40 8.66 -1.87
N THR A 195 24.14 9.98 -1.82
CA THR A 195 23.63 10.75 -2.97
C THR A 195 24.59 10.61 -4.16
N THR A 196 25.88 10.92 -4.00
CA THR A 196 26.85 10.89 -5.13
C THR A 196 26.85 9.51 -5.79
N ARG A 197 27.05 8.45 -5.03
CA ARG A 197 27.15 7.08 -5.60
C ARG A 197 25.87 6.76 -6.37
N ILE A 198 24.69 7.11 -5.86
CA ILE A 198 23.41 6.65 -6.47
C ILE A 198 23.13 7.45 -7.76
N ILE A 199 23.50 8.72 -7.82
CA ILE A 199 23.15 9.56 -9.01
C ILE A 199 24.23 9.45 -10.11
N SER A 200 25.38 8.85 -9.83
CA SER A 200 26.54 8.98 -10.73
C SER A 200 26.55 7.86 -11.77
N THR A 201 26.89 8.22 -13.00
CA THR A 201 27.23 7.28 -14.08
C THR A 201 28.66 6.83 -13.83
N THR A 202 29.66 7.61 -14.24
CA THR A 202 31.08 7.39 -13.83
C THR A 202 31.16 7.37 -12.29
N ASN A 203 31.74 6.30 -11.70
CA ASN A 203 31.92 6.10 -10.24
C ASN A 203 30.58 5.86 -9.52
N GLY A 204 29.48 5.50 -10.19
CA GLY A 204 28.17 5.28 -9.52
C GLY A 204 27.35 4.15 -10.13
N GLY A 205 26.08 4.06 -9.69
CA GLY A 205 25.09 3.00 -10.04
C GLY A 205 24.98 2.78 -11.52
N GLN A 206 25.10 3.85 -12.33
CA GLN A 206 24.76 3.79 -13.78
C GLN A 206 26.04 3.66 -14.62
N GLU A 207 27.17 3.28 -14.03
CA GLU A 207 28.48 3.31 -14.74
C GLU A 207 28.48 2.32 -15.90
N ARG A 208 27.92 1.13 -15.72
CA ARG A 208 28.09 0.05 -16.72
C ARG A 208 26.79 -0.71 -17.00
N LYS A 209 26.82 -1.45 -18.12
CA LYS A 209 25.88 -2.50 -18.52
C LYS A 209 26.63 -3.80 -18.83
N PHE A 210 25.90 -4.90 -18.90
CA PHE A 210 26.42 -6.21 -19.34
C PHE A 210 26.38 -6.27 -20.85
N VAL A 211 27.47 -6.74 -21.44
CA VAL A 211 27.54 -7.07 -22.90
C VAL A 211 26.54 -8.21 -23.11
N GLY A 212 25.51 -7.95 -23.94
CA GLY A 212 24.49 -8.93 -24.34
C GLY A 212 23.27 -8.92 -23.43
N GLY A 213 23.30 -8.12 -22.35
CA GLY A 213 22.11 -7.85 -21.50
C GLY A 213 22.13 -8.59 -20.17
N SER A 214 21.43 -8.04 -19.19
CA SER A 214 21.46 -8.49 -17.79
C SER A 214 20.68 -9.80 -17.66
N GLY A 215 19.77 -10.08 -18.61
CA GLY A 215 18.95 -11.30 -18.64
C GLY A 215 19.80 -12.58 -18.64
N GLN A 216 21.01 -12.51 -19.15
CA GLN A 216 21.96 -13.65 -19.26
C GLN A 216 22.34 -14.13 -17.86
N VAL A 217 22.31 -13.26 -16.87
CA VAL A 217 22.63 -13.71 -15.48
C VAL A 217 21.66 -14.85 -15.13
N SER A 218 20.37 -14.61 -15.29
CA SER A 218 19.31 -15.55 -14.88
C SER A 218 19.30 -16.79 -15.80
N GLU A 219 19.45 -16.55 -17.10
CA GLU A 219 19.53 -17.59 -18.17
C GLU A 219 20.67 -18.56 -17.87
N ARG A 220 21.86 -18.08 -17.50
CA ARG A 220 23.05 -18.94 -17.40
C ARG A 220 22.95 -19.75 -16.11
N ILE A 221 22.38 -19.19 -15.05
CA ILE A 221 22.08 -20.03 -13.85
C ILE A 221 21.03 -21.06 -14.24
N MET A 222 20.00 -20.68 -15.00
CA MET A 222 19.02 -21.69 -15.47
C MET A 222 19.77 -22.78 -16.25
N ASP A 223 20.77 -22.44 -17.07
CA ASP A 223 21.56 -23.45 -17.85
C ASP A 223 22.25 -24.44 -16.91
N LEU A 224 22.87 -23.99 -15.81
CA LEU A 224 23.56 -24.83 -14.78
C LEU A 224 22.57 -25.73 -14.02
N LEU A 225 21.36 -25.25 -13.77
CA LEU A 225 20.38 -25.94 -12.90
C LEU A 225 19.59 -26.96 -13.75
N GLY A 226 19.63 -26.84 -15.09
CA GLY A 226 18.86 -27.71 -16.00
C GLY A 226 17.40 -27.67 -15.63
N ASP A 227 16.75 -28.84 -15.57
CA ASP A 227 15.28 -28.93 -15.45
C ASP A 227 14.87 -28.79 -13.98
N ARG A 228 15.78 -28.36 -13.09
CA ARG A 228 15.41 -27.90 -11.73
C ARG A 228 14.57 -26.61 -11.82
N VAL A 229 14.65 -25.84 -12.92
CA VAL A 229 13.84 -24.62 -13.10
C VAL A 229 12.53 -25.00 -13.80
N LYS A 230 11.40 -24.67 -13.17
CA LYS A 230 10.02 -24.93 -13.69
C LYS A 230 9.39 -23.60 -14.08
N LEU A 231 9.31 -23.38 -15.40
CA LEU A 231 8.61 -22.21 -16.01
C LEU A 231 7.10 -22.46 -16.03
N GLU A 232 6.31 -21.38 -15.91
CA GLU A 232 4.82 -21.35 -15.92
C GLU A 232 4.33 -22.20 -14.74
N ARG A 233 5.02 -22.05 -13.60
CA ARG A 233 4.61 -22.59 -12.29
C ARG A 233 4.40 -21.43 -11.33
N PRO A 234 3.34 -20.60 -11.49
CA PRO A 234 2.96 -19.66 -10.45
C PRO A 234 2.58 -20.45 -9.19
N VAL A 235 3.25 -20.19 -8.07
CA VAL A 235 2.89 -20.71 -6.74
C VAL A 235 1.58 -20.07 -6.26
N ILE A 236 0.63 -20.90 -5.83
CA ILE A 236 -0.72 -20.45 -5.35
C ILE A 236 -0.93 -20.79 -3.87
N TYR A 237 -0.13 -21.70 -3.29
CA TYR A 237 -0.45 -22.30 -1.97
C TYR A 237 0.81 -22.85 -1.32
N ILE A 238 1.04 -22.45 -0.07
CA ILE A 238 2.13 -23.00 0.78
C ILE A 238 1.49 -23.53 2.07
N ASP A 239 1.75 -24.79 2.36
CA ASP A 239 1.23 -25.47 3.57
C ASP A 239 2.43 -25.87 4.44
N GLN A 240 2.51 -25.32 5.65
CA GLN A 240 3.55 -25.66 6.65
C GLN A 240 2.97 -26.42 7.86
N THR A 241 1.78 -27.03 7.75
CA THR A 241 1.12 -27.76 8.89
C THR A 241 1.75 -29.15 9.10
N ARG A 242 2.56 -29.68 8.17
CA ARG A 242 3.13 -31.05 8.31
C ARG A 242 4.66 -30.94 8.40
N GLU A 243 5.34 -32.08 8.39
CA GLU A 243 6.80 -32.14 8.65
C GLU A 243 7.54 -31.45 7.49
N ASN A 244 7.11 -31.75 6.27
CA ASN A 244 7.64 -31.22 4.99
C ASN A 244 6.70 -30.10 4.52
N VAL A 245 7.27 -29.00 4.02
CA VAL A 245 6.48 -27.89 3.40
C VAL A 245 5.93 -28.37 2.06
N LEU A 246 4.64 -28.15 1.83
CA LEU A 246 4.00 -28.41 0.53
C LEU A 246 3.86 -27.06 -0.19
N VAL A 247 4.28 -27.03 -1.45
CA VAL A 247 4.17 -25.84 -2.33
C VAL A 247 3.42 -26.30 -3.56
N GLU A 248 2.27 -25.69 -3.81
CA GLU A 248 1.43 -26.01 -4.98
C GLU A 248 1.51 -24.88 -6.03
N THR A 249 1.50 -25.25 -7.30
CA THR A 249 1.51 -24.32 -8.45
C THR A 249 0.11 -24.30 -9.04
N LEU A 250 -0.19 -23.30 -9.86
CA LEU A 250 -1.49 -23.04 -10.54
C LEU A 250 -1.92 -24.20 -11.48
N ASN A 251 -0.98 -24.95 -12.04
CA ASN A 251 -1.25 -26.14 -12.90
C ASN A 251 -1.43 -27.41 -12.03
N HIS A 252 -1.65 -27.26 -10.72
CA HIS A 252 -1.97 -28.36 -9.79
C HIS A 252 -0.76 -29.31 -9.57
N GLU A 253 0.46 -28.89 -9.88
CA GLU A 253 1.66 -29.67 -9.47
C GLU A 253 1.91 -29.39 -8.00
N MET A 254 2.50 -30.35 -7.31
CA MET A 254 2.75 -30.28 -5.85
C MET A 254 4.23 -30.55 -5.60
N TYR A 255 4.90 -29.67 -4.86
CA TYR A 255 6.33 -29.79 -4.51
C TYR A 255 6.41 -29.92 -2.99
N GLU A 256 7.35 -30.75 -2.53
CA GLU A 256 7.54 -31.06 -1.11
C GLU A 256 9.01 -30.81 -0.78
N ALA A 257 9.25 -29.98 0.25
CA ALA A 257 10.61 -29.55 0.63
C ALA A 257 10.75 -29.40 2.13
N LYS A 258 12.01 -29.30 2.60
CA LYS A 258 12.33 -28.98 4.00
C LYS A 258 12.17 -27.48 4.25
N TYR A 259 12.61 -26.63 3.32
CA TYR A 259 12.51 -25.16 3.45
C TYR A 259 12.06 -24.55 2.13
N VAL A 260 11.44 -23.37 2.21
CA VAL A 260 11.10 -22.50 1.03
C VAL A 260 11.90 -21.20 1.13
N ILE A 261 12.43 -20.72 0.01
CA ILE A 261 12.84 -19.30 -0.13
C ILE A 261 11.78 -18.60 -1.00
N SER A 262 11.20 -17.54 -0.45
CA SER A 262 10.30 -16.61 -1.17
C SER A 262 11.18 -15.51 -1.80
N ALA A 263 11.39 -15.52 -3.13
CA ALA A 263 12.26 -14.56 -3.86
C ALA A 263 11.40 -13.70 -4.81
N ILE A 264 10.24 -13.31 -4.33
CA ILE A 264 9.28 -12.46 -5.06
C ILE A 264 9.17 -11.14 -4.31
N PRO A 265 8.80 -10.05 -5.01
CA PRO A 265 8.52 -8.79 -4.33
C PRO A 265 7.60 -9.04 -3.15
N PRO A 266 7.84 -8.40 -1.99
CA PRO A 266 7.00 -8.64 -0.83
C PRO A 266 5.48 -8.67 -1.08
N THR A 267 4.92 -7.69 -1.79
CA THR A 267 3.44 -7.65 -1.95
C THR A 267 2.98 -8.86 -2.78
N LEU A 268 3.82 -9.42 -3.67
CA LEU A 268 3.38 -10.55 -4.52
C LEU A 268 3.23 -11.82 -3.67
N GLY A 269 3.66 -11.78 -2.40
CA GLY A 269 3.26 -12.73 -1.34
C GLY A 269 1.75 -12.92 -1.27
N MET A 270 0.97 -11.89 -1.63
CA MET A 270 -0.50 -11.88 -1.61
C MET A 270 -1.05 -12.93 -2.60
N LYS A 271 -0.31 -13.29 -3.66
CA LYS A 271 -0.82 -14.22 -4.69
C LYS A 271 -0.80 -15.66 -4.14
N ILE A 272 -0.26 -15.86 -2.93
CA ILE A 272 -0.11 -17.22 -2.32
C ILE A 272 -1.08 -17.27 -1.15
N HIS A 273 -1.89 -18.32 -1.09
CA HIS A 273 -2.76 -18.70 0.06
C HIS A 273 -1.93 -19.53 1.04
N PHE A 274 -1.89 -19.11 2.31
CA PHE A 274 -0.97 -19.70 3.30
C PHE A 274 -1.80 -20.51 4.30
N ASN A 275 -1.26 -21.70 4.64
CA ASN A 275 -1.76 -22.59 5.73
C ASN A 275 -0.56 -23.01 6.57
N PRO A 276 -0.48 -22.62 7.86
CA PRO A 276 -1.52 -21.84 8.52
C PRO A 276 -1.44 -20.41 7.99
N PRO A 277 -2.37 -19.52 8.38
CA PRO A 277 -2.29 -18.12 7.96
C PRO A 277 -0.92 -17.50 8.33
N LEU A 278 -0.43 -16.54 7.56
CA LEU A 278 0.78 -15.74 7.96
C LEU A 278 0.55 -15.15 9.35
N PRO A 279 1.62 -15.00 10.16
CA PRO A 279 1.54 -14.17 11.34
C PRO A 279 1.03 -12.77 10.99
N MET A 280 0.33 -12.16 11.94
CA MET A 280 -0.41 -10.88 11.81
C MET A 280 0.41 -9.79 11.10
N MET A 281 1.64 -9.54 11.54
CA MET A 281 2.45 -8.41 11.07
C MET A 281 2.82 -8.64 9.59
N ARG A 282 3.16 -9.85 9.16
CA ARG A 282 3.45 -10.05 7.71
C ARG A 282 2.14 -9.98 6.89
N ASN A 283 1.06 -10.59 7.39
CA ASN A 283 -0.27 -10.58 6.75
C ASN A 283 -0.60 -9.16 6.32
N GLN A 284 -0.35 -8.17 7.18
CA GLN A 284 -0.70 -6.76 6.86
C GLN A 284 0.41 -6.11 6.04
N MET A 285 1.68 -6.40 6.33
CA MET A 285 2.86 -5.74 5.70
C MET A 285 2.78 -5.95 4.19
N ILE A 286 2.41 -7.14 3.70
CA ILE A 286 2.38 -7.44 2.24
C ILE A 286 1.20 -6.75 1.56
N THR A 287 0.39 -5.95 2.25
CA THR A 287 -0.69 -5.11 1.62
C THR A 287 -0.31 -3.62 1.65
N ARG A 288 0.86 -3.29 2.18
CA ARG A 288 1.30 -1.91 2.55
C ARG A 288 2.51 -1.47 1.71
N VAL A 289 2.99 -2.30 0.78
CA VAL A 289 4.32 -2.14 0.15
C VAL A 289 4.19 -2.27 -1.36
N PRO A 290 3.68 -1.21 -2.02
CA PRO A 290 3.59 -1.19 -3.48
C PRO A 290 4.94 -1.00 -4.18
N LEU A 291 4.99 -1.39 -5.46
CA LEU A 291 6.15 -1.05 -6.35
C LEU A 291 5.82 0.24 -7.14
N GLY A 292 6.87 0.92 -7.58
CA GLY A 292 6.76 2.17 -8.35
C GLY A 292 6.34 1.92 -9.78
N SER A 293 6.27 3.00 -10.55
CA SER A 293 5.67 3.02 -11.90
C SER A 293 6.69 3.58 -12.89
N VAL A 294 6.97 2.84 -13.96
CA VAL A 294 7.93 3.34 -14.98
C VAL A 294 7.66 2.65 -16.33
N ILE A 295 7.88 3.40 -17.40
CA ILE A 295 7.97 2.88 -18.79
C ILE A 295 9.41 3.15 -19.19
N LYS A 296 10.16 2.09 -19.51
CA LYS A 296 11.53 2.22 -20.04
C LYS A 296 11.38 2.26 -21.55
N CYS A 297 11.90 3.33 -22.17
CA CYS A 297 11.70 3.62 -23.61
C CYS A 297 13.08 3.75 -24.27
N ILE A 298 13.30 3.03 -25.37
CA ILE A 298 14.58 3.16 -26.14
C ILE A 298 14.26 3.56 -27.60
N VAL A 299 14.72 4.75 -27.96
CA VAL A 299 14.58 5.30 -29.34
C VAL A 299 15.91 5.09 -30.05
N TYR A 300 15.86 4.43 -31.21
CA TYR A 300 17.04 4.08 -32.02
C TYR A 300 17.20 5.14 -33.11
N TYR A 301 18.46 5.46 -33.41
CA TYR A 301 18.89 6.42 -34.45
C TYR A 301 19.98 5.76 -35.29
N LYS A 302 20.14 6.29 -36.50
CA LYS A 302 21.21 5.93 -37.48
C LYS A 302 22.60 6.05 -36.83
N GLU A 303 22.83 7.05 -35.97
CA GLU A 303 24.15 7.46 -35.43
C GLU A 303 23.89 8.11 -34.08
N PRO A 304 24.89 8.10 -33.16
CA PRO A 304 24.76 8.80 -31.88
C PRO A 304 25.07 10.28 -32.11
N PHE A 305 24.17 10.97 -32.80
CA PHE A 305 24.43 12.31 -33.38
C PHE A 305 24.72 13.33 -32.26
N TRP A 306 24.20 13.09 -31.05
CA TRP A 306 24.36 13.99 -29.89
C TRP A 306 25.84 14.15 -29.52
N ARG A 307 26.66 13.12 -29.67
CA ARG A 307 28.12 13.14 -29.39
C ARG A 307 28.82 14.22 -30.23
N LYS A 308 28.41 14.40 -31.50
CA LYS A 308 28.94 15.45 -32.44
C LYS A 308 28.65 16.86 -31.89
N LYS A 309 27.61 17.11 -31.09
CA LYS A 309 27.39 18.41 -30.42
C LYS A 309 28.05 18.46 -29.03
N ASP A 310 28.88 17.49 -28.71
CA ASP A 310 29.60 17.35 -27.42
C ASP A 310 28.58 17.12 -26.29
N TYR A 311 27.57 16.28 -26.55
CA TYR A 311 26.60 15.76 -25.55
C TYR A 311 26.75 14.24 -25.42
N CYS A 312 26.88 13.69 -24.21
CA CYS A 312 27.08 12.23 -24.02
C CYS A 312 25.76 11.46 -24.22
N GLY A 313 24.60 12.13 -24.06
CA GLY A 313 23.25 11.55 -24.20
C GLY A 313 22.50 11.61 -22.88
N THR A 314 23.18 11.99 -21.80
CA THR A 314 22.56 12.18 -20.48
C THR A 314 21.77 13.49 -20.50
N MET A 315 20.47 13.37 -20.23
CA MET A 315 19.56 14.52 -20.09
C MET A 315 18.80 14.38 -18.77
N ILE A 316 18.87 15.43 -17.94
CA ILE A 316 18.09 15.60 -16.71
C ILE A 316 17.13 16.73 -16.99
N ILE A 317 15.83 16.44 -17.03
CA ILE A 317 14.80 17.35 -17.61
C ILE A 317 13.71 17.59 -16.55
N ASP A 318 13.65 18.78 -15.96
CA ASP A 318 12.76 19.16 -14.81
C ASP A 318 11.34 19.41 -15.31
N GLY A 319 10.36 19.37 -14.40
CA GLY A 319 9.00 19.90 -14.59
C GLY A 319 8.00 18.89 -15.13
N GLU A 320 6.79 19.35 -15.48
CA GLU A 320 5.60 18.48 -15.73
C GLU A 320 5.48 18.09 -17.22
N GLU A 321 5.78 18.99 -18.15
CA GLU A 321 5.44 18.80 -19.60
C GLU A 321 6.26 17.64 -20.17
N ALA A 322 7.48 17.45 -19.66
CA ALA A 322 8.44 16.48 -20.21
C ALA A 322 7.92 15.08 -19.91
N PRO A 323 7.65 14.23 -20.92
CA PRO A 323 7.25 12.87 -20.65
C PRO A 323 8.37 12.13 -19.92
N VAL A 324 9.63 12.42 -20.29
CA VAL A 324 10.84 11.72 -19.76
C VAL A 324 11.67 12.70 -18.95
N ALA A 325 12.03 12.38 -17.71
CA ALA A 325 12.88 13.27 -16.86
C ALA A 325 14.35 12.87 -16.92
N TYR A 326 14.68 11.72 -17.50
CA TYR A 326 16.08 11.22 -17.46
C TYR A 326 16.35 10.32 -18.65
N THR A 327 17.49 10.53 -19.31
CA THR A 327 17.97 9.72 -20.43
C THR A 327 19.43 9.32 -20.19
N LEU A 328 19.84 8.23 -20.83
CA LEU A 328 21.26 7.84 -20.96
C LEU A 328 21.49 7.38 -22.38
N ASP A 329 22.72 7.52 -22.84
CA ASP A 329 23.19 6.90 -24.09
C ASP A 329 23.03 5.37 -23.94
N ASP A 330 22.31 4.71 -24.86
CA ASP A 330 22.17 3.23 -24.84
C ASP A 330 22.81 2.62 -26.09
N THR A 331 23.71 3.36 -26.72
CA THR A 331 24.52 2.88 -27.87
C THR A 331 25.36 1.66 -27.44
N LYS A 332 25.45 0.67 -28.33
CA LYS A 332 26.28 -0.54 -28.11
C LYS A 332 27.74 -0.10 -27.96
N PRO A 333 28.58 -0.89 -27.25
CA PRO A 333 29.99 -0.55 -27.06
C PRO A 333 30.76 -0.43 -28.37
N GLU A 334 30.26 -1.02 -29.46
CA GLU A 334 30.91 -1.03 -30.81
C GLU A 334 30.59 0.31 -31.49
N GLY A 335 29.63 1.07 -30.95
CA GLY A 335 29.24 2.40 -31.42
C GLY A 335 28.08 2.33 -32.38
N ASN A 336 27.47 1.15 -32.55
CA ASN A 336 26.31 0.95 -33.45
C ASN A 336 25.04 0.70 -32.61
N TYR A 337 23.90 0.58 -33.29
CA TYR A 337 22.54 0.62 -32.70
C TYR A 337 22.45 1.86 -31.79
N ALA A 338 22.93 2.99 -32.26
CA ALA A 338 22.77 4.30 -31.61
C ALA A 338 21.38 4.40 -30.99
N ALA A 339 21.28 4.75 -29.73
CA ALA A 339 19.98 4.76 -29.03
C ALA A 339 20.02 5.68 -27.80
N ILE A 340 18.86 6.22 -27.45
CA ILE A 340 18.64 6.98 -26.18
CA ILE A 340 18.65 6.97 -26.19
C ILE A 340 17.67 6.17 -25.32
N MET A 341 18.08 5.81 -24.11
CA MET A 341 17.22 5.17 -23.08
C MET A 341 16.60 6.31 -22.28
N GLY A 342 15.26 6.32 -22.17
CA GLY A 342 14.50 7.28 -21.36
C GLY A 342 13.54 6.57 -20.44
N PHE A 343 13.34 7.13 -19.24
CA PHE A 343 12.35 6.69 -18.24
C PHE A 343 11.19 7.67 -18.23
N ILE A 344 9.97 7.15 -18.33
CA ILE A 344 8.71 7.86 -18.02
C ILE A 344 8.33 7.45 -16.59
N LEU A 345 8.35 8.40 -15.65
CA LEU A 345 8.43 8.12 -14.20
C LEU A 345 7.12 8.44 -13.48
N ALA A 346 6.77 7.57 -12.51
CA ALA A 346 5.78 7.79 -11.43
C ALA A 346 4.44 8.10 -12.08
N HIS A 347 3.82 9.26 -11.81
CA HIS A 347 2.47 9.55 -12.37
C HIS A 347 2.50 9.60 -13.90
N LYS A 348 3.60 9.99 -14.51
CA LYS A 348 3.65 10.08 -16.00
C LYS A 348 3.54 8.67 -16.62
N ALA A 349 3.99 7.63 -15.91
CA ALA A 349 3.92 6.24 -16.39
C ALA A 349 2.45 5.81 -16.43
N ARG A 350 1.64 6.32 -15.52
CA ARG A 350 0.15 6.11 -15.46
C ARG A 350 -0.52 6.98 -16.54
N LYS A 351 -0.33 8.30 -16.48
CA LYS A 351 -0.97 9.28 -17.41
C LYS A 351 -0.67 8.93 -18.88
N LEU A 352 0.58 8.69 -19.27
CA LEU A 352 0.95 8.49 -20.71
C LEU A 352 0.67 7.05 -21.17
N ALA A 353 0.28 6.12 -20.28
CA ALA A 353 -0.07 4.75 -20.70
C ALA A 353 -1.33 4.77 -21.59
N ARG A 354 -2.09 5.88 -21.57
CA ARG A 354 -3.34 6.11 -22.35
C ARG A 354 -3.02 6.23 -23.84
N LEU A 355 -1.81 6.70 -24.17
CA LEU A 355 -1.37 6.95 -25.55
C LEU A 355 -1.05 5.61 -26.22
N THR A 356 -0.94 5.61 -27.54
CA THR A 356 -0.36 4.50 -28.33
C THR A 356 1.17 4.56 -28.26
N LYS A 357 1.81 3.47 -28.64
CA LYS A 357 3.28 3.33 -28.67
C LYS A 357 3.83 4.42 -29.60
N GLU A 358 3.18 4.60 -30.76
CA GLU A 358 3.57 5.60 -31.80
C GLU A 358 3.49 7.01 -31.19
N GLU A 359 2.43 7.34 -30.46
CA GLU A 359 2.27 8.67 -29.84
C GLU A 359 3.37 8.91 -28.79
N ARG A 360 3.73 7.91 -27.97
CA ARG A 360 4.82 8.07 -26.97
C ARG A 360 6.12 8.29 -27.74
N LEU A 361 6.37 7.56 -28.82
CA LEU A 361 7.62 7.73 -29.63
C LEU A 361 7.72 9.18 -30.14
N LYS A 362 6.61 9.72 -30.67
CA LYS A 362 6.54 11.09 -31.23
C LYS A 362 6.86 12.12 -30.13
N LYS A 363 6.23 11.99 -28.96
CA LYS A 363 6.42 12.92 -27.82
C LYS A 363 7.87 12.86 -27.32
N LEU A 364 8.50 11.68 -27.31
CA LEU A 364 9.92 11.53 -26.84
C LEU A 364 10.86 12.20 -27.85
N CYS A 365 10.66 11.93 -29.15
CA CYS A 365 11.45 12.55 -30.25
C CYS A 365 11.33 14.07 -30.17
N GLU A 366 10.13 14.60 -30.00
CA GLU A 366 9.96 16.07 -29.92
C GLU A 366 10.69 16.63 -28.70
N LEU A 367 10.65 15.93 -27.57
CA LEU A 367 11.31 16.39 -26.33
C LEU A 367 12.83 16.38 -26.55
N TYR A 368 13.35 15.29 -27.11
CA TYR A 368 14.80 15.07 -27.32
C TYR A 368 15.29 16.09 -28.37
N ALA A 369 14.48 16.36 -29.38
CA ALA A 369 14.82 17.37 -30.42
C ALA A 369 15.05 18.71 -29.71
N LYS A 370 14.14 19.12 -28.83
CA LYS A 370 14.26 20.43 -28.14
C LYS A 370 15.46 20.42 -27.19
N VAL A 371 15.63 19.40 -26.36
CA VAL A 371 16.66 19.40 -25.28
C VAL A 371 18.07 19.36 -25.90
N LEU A 372 18.24 18.56 -26.94
CA LEU A 372 19.53 18.37 -27.68
C LEU A 372 19.73 19.42 -28.79
N GLY A 373 18.76 20.32 -29.02
CA GLY A 373 18.82 21.33 -30.08
C GLY A 373 19.07 20.71 -31.45
N SER A 374 18.40 19.60 -31.73
CA SER A 374 18.74 18.67 -32.83
C SER A 374 17.49 18.16 -33.56
N LEU A 375 17.30 18.57 -34.82
CA LEU A 375 16.22 18.01 -35.70
C LEU A 375 16.42 16.52 -35.99
N GLU A 376 17.64 15.97 -35.91
CA GLU A 376 17.91 14.53 -36.20
C GLU A 376 17.13 13.64 -35.21
N ALA A 377 16.85 14.13 -34.00
CA ALA A 377 16.11 13.45 -32.94
C ALA A 377 14.70 13.11 -33.42
N LEU A 378 14.21 13.80 -34.47
CA LEU A 378 12.86 13.56 -35.07
C LEU A 378 12.95 12.45 -36.13
N GLU A 379 14.08 11.77 -36.25
CA GLU A 379 14.33 10.73 -37.27
C GLU A 379 14.65 9.37 -36.66
N PRO A 380 13.80 8.83 -35.76
CA PRO A 380 14.04 7.54 -35.14
C PRO A 380 14.01 6.44 -36.22
N VAL A 381 14.83 5.40 -36.08
CA VAL A 381 14.83 4.23 -37.02
C VAL A 381 14.09 3.07 -36.39
N HIS A 382 13.94 3.05 -35.06
CA HIS A 382 13.32 1.94 -34.28
C HIS A 382 12.94 2.44 -32.88
N TYR A 383 12.01 1.75 -32.23
CA TYR A 383 11.54 2.07 -30.85
C TYR A 383 11.18 0.77 -30.13
N GLU A 384 11.62 0.61 -28.90
CA GLU A 384 11.20 -0.48 -27.96
C GLU A 384 10.80 0.19 -26.65
N GLU A 385 9.82 -0.35 -25.94
CA GLU A 385 9.35 0.24 -24.67
C GLU A 385 8.79 -0.88 -23.79
N LYS A 386 8.75 -0.66 -22.49
CA LYS A 386 8.08 -1.61 -21.59
C LYS A 386 7.50 -0.84 -20.41
N ASN A 387 6.18 -0.92 -20.26
CA ASN A 387 5.47 -0.36 -19.08
C ASN A 387 5.41 -1.46 -18.02
N TRP A 388 6.27 -1.37 -17.00
CA TRP A 388 6.37 -2.40 -15.94
C TRP A 388 5.11 -2.37 -15.06
N CYS A 389 4.29 -1.32 -15.15
CA CYS A 389 3.02 -1.24 -14.38
C CYS A 389 2.05 -2.38 -14.74
N GLU A 390 2.23 -3.00 -15.92
CA GLU A 390 1.33 -4.04 -16.49
C GLU A 390 1.63 -5.42 -15.95
N GLU A 391 2.79 -5.61 -15.33
CA GLU A 391 3.29 -6.99 -15.05
C GLU A 391 2.59 -7.56 -13.79
N GLN A 392 1.74 -8.57 -13.99
CA GLN A 392 1.11 -9.35 -12.88
C GLN A 392 2.19 -9.89 -11.92
N TYR A 393 3.34 -10.31 -12.41
CA TYR A 393 4.34 -11.01 -11.57
C TYR A 393 5.55 -10.11 -11.29
N SER A 394 5.41 -8.78 -11.42
CA SER A 394 6.34 -7.77 -10.86
C SER A 394 5.60 -6.80 -9.94
N GLY A 395 4.46 -6.24 -10.36
CA GLY A 395 3.69 -5.24 -9.59
C GLY A 395 4.10 -3.82 -9.96
N GLY A 396 5.28 -3.68 -10.60
CA GLY A 396 5.91 -2.43 -11.02
C GLY A 396 7.44 -2.55 -11.04
N CYS A 397 8.12 -1.40 -11.00
CA CYS A 397 9.58 -1.26 -11.08
C CYS A 397 9.96 0.13 -10.59
N TYR A 398 11.21 0.33 -10.16
CA TYR A 398 12.25 -0.69 -10.13
C TYR A 398 12.02 -1.64 -8.96
N THR A 399 11.40 -1.12 -7.89
CA THR A 399 11.32 -1.82 -6.60
C THR A 399 10.14 -1.27 -5.78
N THR A 400 10.01 -1.88 -4.61
CA THR A 400 8.99 -1.60 -3.57
C THR A 400 9.36 -0.31 -2.86
N TYR A 401 8.43 0.63 -2.78
CA TYR A 401 8.57 1.80 -1.87
C TYR A 401 7.64 1.65 -0.67
N PHE A 402 8.00 2.35 0.41
CA PHE A 402 7.26 2.34 1.69
C PHE A 402 6.60 3.69 1.86
N PRO A 403 5.24 3.76 1.85
CA PRO A 403 4.49 4.96 2.24
C PRO A 403 4.74 5.34 3.70
N PRO A 404 4.37 6.58 4.09
CA PRO A 404 4.62 7.06 5.44
C PRO A 404 4.02 6.09 6.46
N GLY A 405 4.82 5.76 7.48
CA GLY A 405 4.33 5.02 8.66
C GLY A 405 4.54 3.52 8.59
N ILE A 406 4.97 3.00 7.45
CA ILE A 406 5.00 1.54 7.23
C ILE A 406 6.33 0.96 7.69
N LEU A 407 7.46 1.61 7.37
CA LEU A 407 8.80 1.00 7.61
C LEU A 407 9.02 0.88 9.11
N THR A 408 8.53 1.82 9.93
CA THR A 408 8.72 1.74 11.40
C THR A 408 7.76 0.71 11.99
N GLN A 409 6.56 0.57 11.47
CA GLN A 409 5.58 -0.41 11.99
C GLN A 409 5.87 -1.83 11.46
N TYR A 410 6.31 -2.01 10.22
CA TYR A 410 6.31 -3.36 9.59
C TYR A 410 7.71 -3.77 9.09
N GLY A 411 8.70 -2.90 9.23
CA GLY A 411 10.02 -3.06 8.58
C GLY A 411 10.69 -4.33 9.04
N ARG A 412 10.61 -4.61 10.33
CA ARG A 412 11.37 -5.70 10.98
C ARG A 412 10.89 -7.07 10.45
N VAL A 413 9.71 -7.17 9.82
CA VAL A 413 9.15 -8.49 9.38
C VAL A 413 9.57 -8.82 7.95
N LEU A 414 10.12 -7.86 7.22
CA LEU A 414 10.48 -8.03 5.79
C LEU A 414 11.30 -9.33 5.58
N ARG A 415 12.35 -9.59 6.38
CA ARG A 415 13.23 -10.78 6.22
C ARG A 415 13.15 -11.73 7.44
N GLN A 416 12.19 -11.54 8.32
CA GLN A 416 11.93 -12.50 9.42
C GLN A 416 11.33 -13.81 8.87
N PRO A 417 12.00 -14.97 9.11
CA PRO A 417 11.46 -16.26 8.67
C PRO A 417 10.06 -16.50 9.25
N VAL A 418 9.20 -17.08 8.43
CA VAL A 418 7.88 -17.60 8.89
C VAL A 418 7.96 -19.13 8.85
N ASP A 419 8.27 -19.73 10.00
CA ASP A 419 8.52 -21.19 10.18
C ASP A 419 9.69 -21.59 9.26
N ARG A 420 9.43 -22.28 8.15
CA ARG A 420 10.49 -22.83 7.26
C ARG A 420 10.59 -22.00 5.97
N ILE A 421 9.91 -20.84 5.93
CA ILE A 421 9.96 -19.87 4.79
C ILE A 421 10.97 -18.78 5.16
N TYR A 422 11.99 -18.60 4.31
CA TYR A 422 13.05 -17.56 4.37
C TYR A 422 12.78 -16.58 3.22
N PHE A 423 13.12 -15.30 3.39
CA PHE A 423 12.82 -14.21 2.42
C PHE A 423 14.10 -13.70 1.73
N ALA A 424 14.16 -13.91 0.42
CA ALA A 424 15.14 -13.30 -0.51
C ALA A 424 14.46 -12.12 -1.23
N GLY A 425 14.91 -11.77 -2.41
CA GLY A 425 14.38 -10.61 -3.15
C GLY A 425 15.14 -9.34 -2.78
N THR A 426 15.40 -8.47 -3.75
CA THR A 426 16.25 -7.27 -3.56
C THR A 426 15.69 -6.43 -2.39
N GLU A 427 14.37 -6.45 -2.19
CA GLU A 427 13.73 -5.62 -1.14
C GLU A 427 14.30 -5.97 0.23
N THR A 428 14.90 -7.15 0.42
CA THR A 428 15.36 -7.64 1.75
C THR A 428 16.88 -7.38 1.92
N ALA A 429 17.51 -6.75 0.94
CA ALA A 429 18.96 -6.46 0.95
C ALA A 429 19.23 -5.26 1.88
N THR A 430 20.49 -5.19 2.34
CA THR A 430 21.03 -4.11 3.20
C THR A 430 22.00 -3.22 2.40
N HIS A 431 22.39 -3.62 1.19
CA HIS A 431 23.31 -2.86 0.30
C HIS A 431 22.76 -2.95 -1.12
N TRP A 432 22.30 -1.81 -1.68
CA TRP A 432 21.73 -1.75 -3.05
C TRP A 432 20.42 -2.56 -3.11
N SER A 433 19.68 -2.60 -2.00
CA SER A 433 18.23 -2.92 -2.07
C SER A 433 17.62 -2.10 -3.21
N GLY A 434 16.78 -2.78 -4.03
CA GLY A 434 16.11 -2.28 -5.23
C GLY A 434 16.87 -2.62 -6.51
N TYR A 435 18.12 -3.09 -6.40
CA TYR A 435 19.01 -3.34 -7.56
C TYR A 435 19.28 -4.83 -7.74
N MET A 436 19.90 -5.17 -8.87
CA MET A 436 20.39 -6.56 -9.13
C MET A 436 21.39 -6.96 -8.02
N GLU A 437 22.27 -6.05 -7.59
CA GLU A 437 23.18 -6.26 -6.45
C GLU A 437 22.42 -6.78 -5.23
N GLY A 438 21.36 -6.10 -4.82
CA GLY A 438 20.60 -6.47 -3.62
C GLY A 438 19.89 -7.81 -3.80
N ALA A 439 19.46 -8.12 -5.00
CA ALA A 439 18.91 -9.45 -5.36
C ALA A 439 19.93 -10.55 -5.03
N VAL A 440 21.18 -10.37 -5.44
CA VAL A 440 22.26 -11.36 -5.15
C VAL A 440 22.46 -11.45 -3.62
N GLU A 441 22.68 -10.33 -2.92
CA GLU A 441 22.93 -10.33 -1.45
C GLU A 441 21.79 -11.07 -0.76
N ALA A 442 20.53 -10.73 -1.06
CA ALA A 442 19.35 -11.32 -0.41
C ALA A 442 19.23 -12.82 -0.71
N GLY A 443 19.45 -13.23 -1.96
CA GLY A 443 19.35 -14.64 -2.38
C GLY A 443 20.37 -15.50 -1.68
N GLU A 444 21.61 -15.03 -1.67
CA GLU A 444 22.74 -15.73 -1.01
C GLU A 444 22.55 -15.73 0.51
N ARG A 445 21.99 -14.67 1.07
CA ARG A 445 21.87 -14.58 2.54
C ARG A 445 20.75 -15.56 2.96
N ALA A 446 19.65 -15.61 2.21
CA ALA A 446 18.50 -16.49 2.50
C ALA A 446 18.94 -17.96 2.40
N ALA A 447 19.63 -18.32 1.31
CA ALA A 447 20.24 -19.65 1.11
C ALA A 447 21.09 -20.01 2.35
N ARG A 448 21.92 -19.07 2.80
CA ARG A 448 22.86 -19.32 3.93
C ARG A 448 22.04 -19.39 5.23
N GLU A 449 20.95 -18.64 5.37
CA GLU A 449 20.07 -18.84 6.55
C GLU A 449 19.65 -20.32 6.62
N ILE A 450 19.24 -20.91 5.50
CA ILE A 450 18.78 -22.33 5.41
C ILE A 450 19.99 -23.26 5.67
N LEU A 451 21.15 -22.98 5.09
CA LEU A 451 22.36 -23.79 5.38
C LEU A 451 22.60 -23.80 6.89
N HIS A 452 22.34 -22.69 7.59
CA HIS A 452 22.55 -22.63 9.06
C HIS A 452 21.46 -23.43 9.77
N ALA A 453 20.20 -23.26 9.40
CA ALA A 453 19.07 -24.02 9.98
C ALA A 453 19.38 -25.52 9.92
N MET A 454 20.07 -25.97 8.86
CA MET A 454 20.41 -27.38 8.58
C MET A 454 21.73 -27.79 9.26
N GLY A 455 22.37 -26.90 10.03
CA GLY A 455 23.63 -27.15 10.79
C GLY A 455 24.85 -27.36 9.90
N LYS A 456 24.81 -26.93 8.63
CA LYS A 456 25.94 -27.07 7.66
C LYS A 456 26.96 -25.92 7.82
N ILE A 457 26.56 -24.78 8.38
CA ILE A 457 27.47 -23.60 8.50
C ILE A 457 27.15 -22.94 9.82
N PRO A 458 28.13 -22.28 10.47
CA PRO A 458 27.87 -21.49 11.67
C PRO A 458 27.16 -20.15 11.40
N GLU A 459 26.53 -19.56 12.43
CA GLU A 459 25.70 -18.33 12.35
C GLU A 459 26.51 -17.14 11.77
N ASP A 460 27.81 -17.01 12.06
CA ASP A 460 28.64 -15.88 11.58
C ASP A 460 28.95 -16.05 10.07
N GLU A 461 28.44 -17.09 9.42
CA GLU A 461 28.60 -17.26 7.95
C GLU A 461 27.30 -16.96 7.21
N ILE A 462 26.22 -16.59 7.89
CA ILE A 462 24.93 -16.22 7.21
C ILE A 462 25.18 -14.90 6.45
N TRP A 463 25.73 -13.88 7.15
CA TRP A 463 26.11 -12.55 6.59
C TRP A 463 27.62 -12.55 6.30
N GLN A 464 27.95 -12.36 5.02
CA GLN A 464 29.32 -12.43 4.44
C GLN A 464 29.55 -11.19 3.59
N SER A 465 30.62 -10.47 3.90
CA SER A 465 31.13 -9.34 3.09
C SER A 465 31.61 -9.87 1.74
N GLU A 466 31.65 -9.03 0.72
CA GLU A 466 32.07 -9.39 -0.67
C GLU A 466 33.40 -8.71 -0.93
N PRO A 467 34.42 -9.46 -1.42
CA PRO A 467 35.66 -8.84 -1.90
C PRO A 467 35.29 -7.87 -3.02
N GLU A 468 35.99 -6.73 -3.04
CA GLU A 468 35.83 -5.68 -4.09
C GLU A 468 36.29 -6.19 -5.47
N SER A 469 35.45 -5.99 -6.49
CA SER A 469 35.78 -6.28 -7.92
C SER A 469 37.16 -5.72 -8.26
N VAL A 470 38.02 -6.50 -8.92
CA VAL A 470 39.32 -6.04 -9.47
C VAL A 470 39.08 -5.37 -10.83
N ASP A 471 37.92 -5.59 -11.45
CA ASP A 471 37.52 -5.04 -12.77
C ASP A 471 36.79 -3.69 -12.64
N VAL A 472 36.02 -3.48 -11.58
CA VAL A 472 35.25 -2.22 -11.36
C VAL A 472 35.57 -1.68 -9.97
N PRO A 473 36.77 -1.14 -9.76
CA PRO A 473 37.17 -0.72 -8.40
C PRO A 473 36.50 0.61 -8.06
N ALA A 474 36.11 0.85 -6.81
CA ALA A 474 35.29 2.04 -6.43
C ALA A 474 36.18 3.21 -5.97
N GLN A 475 36.02 4.37 -6.60
CA GLN A 475 36.59 5.64 -6.13
C GLN A 475 35.81 6.01 -4.89
N PRO A 476 36.45 6.55 -3.84
CA PRO A 476 35.71 6.94 -2.65
C PRO A 476 34.86 8.15 -3.03
N ILE A 477 33.85 8.42 -2.21
CA ILE A 477 33.03 9.66 -2.29
C ILE A 477 33.71 10.68 -1.41
N THR A 478 34.06 11.82 -1.97
CA THR A 478 34.82 12.90 -1.28
C THR A 478 33.99 14.17 -1.34
N THR A 479 34.23 15.06 -0.39
CA THR A 479 33.72 16.46 -0.42
C THR A 479 34.92 17.40 -0.26
N THR A 480 34.74 18.66 -0.66
CA THR A 480 35.64 19.81 -0.35
C THR A 480 35.25 20.43 0.99
N PHE A 481 36.20 21.15 1.60
CA PHE A 481 36.03 21.95 2.84
C PHE A 481 34.76 22.82 2.76
N LEU A 482 34.62 23.57 1.67
CA LEU A 482 33.48 24.51 1.47
C LEU A 482 32.17 23.72 1.34
N GLU A 483 32.19 22.57 0.64
CA GLU A 483 30.99 21.71 0.53
C GLU A 483 30.57 21.26 1.92
N ARG A 484 31.53 20.97 2.81
CA ARG A 484 31.28 20.47 4.18
C ARG A 484 30.81 21.59 5.12
N HIS A 485 31.26 22.85 4.93
CA HIS A 485 31.18 23.89 5.99
C HIS A 485 30.34 25.11 5.53
N LEU A 486 30.07 25.30 4.24
CA LEU A 486 29.23 26.46 3.83
C LEU A 486 27.90 26.34 4.56
N PRO A 487 27.26 27.45 4.95
CA PRO A 487 25.97 27.34 5.62
C PRO A 487 24.82 26.95 4.66
N SER A 488 23.75 26.44 5.25
CA SER A 488 22.40 26.37 4.65
C SER A 488 21.90 27.81 4.45
N VAL A 489 20.79 27.99 3.76
CA VAL A 489 20.13 29.31 3.65
C VAL A 489 19.69 29.75 5.04
N PRO A 490 19.00 28.93 5.84
CA PRO A 490 18.63 29.35 7.20
C PRO A 490 19.86 29.64 8.06
N GLY A 491 20.94 28.87 7.87
CA GLY A 491 22.24 29.09 8.51
C GLY A 491 22.78 30.48 8.19
N LEU A 492 22.79 30.87 6.92
CA LEU A 492 23.25 32.21 6.48
C LEU A 492 22.41 33.32 7.15
N LEU A 493 21.10 33.15 7.24
CA LEU A 493 20.12 34.11 7.82
C LEU A 493 20.40 34.26 9.32
N ARG A 494 20.70 33.16 10.00
CA ARG A 494 21.08 33.15 11.43
C ARG A 494 22.37 33.98 11.58
N LEU A 495 23.39 33.78 10.73
CA LEU A 495 24.64 34.59 10.76
C LEU A 495 24.32 36.09 10.59
N ILE A 496 23.54 36.45 9.56
CA ILE A 496 23.06 37.82 9.23
C ILE A 496 22.39 38.45 10.48
N GLY A 497 21.41 37.77 11.07
CA GLY A 497 20.74 38.19 12.31
C GLY A 497 21.77 38.58 13.36
N LEU A 498 22.63 37.63 13.75
CA LEU A 498 23.67 37.75 14.81
C LEU A 498 24.61 38.94 14.54
N THR A 499 25.10 39.09 13.30
CA THR A 499 25.80 40.31 12.83
C THR A 499 24.79 41.46 12.70
N SER B 2 -17.10 -29.04 -14.96
CA SER B 2 -17.27 -27.68 -14.34
C SER B 2 -18.76 -27.37 -14.00
N ASN B 3 -18.98 -26.56 -12.96
CA ASN B 3 -20.31 -26.25 -12.36
C ASN B 3 -20.81 -24.94 -13.00
N LYS B 4 -21.87 -24.99 -13.83
CA LYS B 4 -22.25 -23.85 -14.69
C LYS B 4 -23.31 -23.02 -13.98
N CYS B 5 -23.29 -21.70 -14.15
CA CYS B 5 -24.27 -20.80 -13.54
C CYS B 5 -24.28 -19.52 -14.35
N ASP B 6 -25.20 -18.60 -14.04
CA ASP B 6 -25.28 -17.27 -14.70
C ASP B 6 -24.20 -16.34 -14.12
N VAL B 7 -24.03 -16.31 -12.78
CA VAL B 7 -23.12 -15.37 -12.08
C VAL B 7 -22.42 -16.07 -10.92
N VAL B 8 -21.09 -16.03 -10.90
CA VAL B 8 -20.26 -16.35 -9.70
C VAL B 8 -20.01 -15.06 -8.92
N VAL B 9 -20.33 -15.06 -7.64
CA VAL B 9 -19.96 -13.99 -6.68
C VAL B 9 -18.76 -14.50 -5.86
N VAL B 10 -17.66 -13.77 -5.85
CA VAL B 10 -16.48 -14.10 -5.01
C VAL B 10 -16.60 -13.29 -3.72
N GLY B 11 -16.84 -13.98 -2.61
CA GLY B 11 -17.01 -13.36 -1.29
C GLY B 11 -18.44 -13.46 -0.80
N GLY B 12 -18.59 -14.09 0.36
CA GLY B 12 -19.87 -14.24 1.08
C GLY B 12 -19.95 -13.31 2.28
N GLY B 13 -19.49 -12.07 2.11
CA GLY B 13 -19.75 -10.97 3.05
C GLY B 13 -21.11 -10.37 2.77
N ILE B 14 -21.46 -9.27 3.44
CA ILE B 14 -22.78 -8.63 3.22
C ILE B 14 -22.87 -8.23 1.76
N SER B 15 -21.78 -7.77 1.15
CA SER B 15 -21.82 -7.20 -0.21
C SER B 15 -22.04 -8.34 -1.21
N GLY B 16 -21.25 -9.42 -1.15
CA GLY B 16 -21.44 -10.62 -2.01
C GLY B 16 -22.86 -11.16 -1.90
N MET B 17 -23.32 -11.33 -0.66
CA MET B 17 -24.64 -11.91 -0.32
C MET B 17 -25.76 -11.01 -0.85
N ALA B 18 -25.69 -9.70 -0.63
CA ALA B 18 -26.70 -8.73 -1.13
C ALA B 18 -26.78 -8.83 -2.66
N ALA B 19 -25.62 -8.96 -3.29
CA ALA B 19 -25.53 -9.10 -4.75
C ALA B 19 -26.20 -10.43 -5.15
N ALA B 20 -25.81 -11.53 -4.54
CA ALA B 20 -26.30 -12.87 -4.95
C ALA B 20 -27.82 -12.91 -4.73
N LYS B 21 -28.33 -12.32 -3.65
CA LYS B 21 -29.78 -12.30 -3.33
C LYS B 21 -30.52 -11.57 -4.45
N LEU B 22 -30.06 -10.39 -4.85
CA LEU B 22 -30.80 -9.59 -5.86
C LEU B 22 -30.80 -10.38 -7.17
N LEU B 23 -29.67 -10.96 -7.56
CA LEU B 23 -29.57 -11.74 -8.82
C LEU B 23 -30.49 -12.96 -8.76
N HIS B 24 -30.45 -13.70 -7.65
CA HIS B 24 -31.31 -14.89 -7.41
C HIS B 24 -32.77 -14.48 -7.49
N ASP B 25 -33.13 -13.37 -6.83
CA ASP B 25 -34.53 -12.85 -6.81
C ASP B 25 -34.97 -12.46 -8.22
N SER B 26 -34.03 -12.15 -9.14
CA SER B 26 -34.38 -11.80 -10.55
CA SER B 26 -34.35 -11.80 -10.56
C SER B 26 -34.42 -13.08 -11.40
N GLY B 27 -34.20 -14.24 -10.78
CA GLY B 27 -34.33 -15.56 -11.45
C GLY B 27 -33.03 -16.07 -12.08
N LEU B 28 -31.87 -15.46 -11.83
CA LEU B 28 -30.58 -16.01 -12.33
C LEU B 28 -30.06 -17.09 -11.38
N ASN B 29 -29.23 -17.98 -11.91
CA ASN B 29 -28.52 -19.01 -11.10
C ASN B 29 -27.22 -18.41 -10.58
N VAL B 30 -27.07 -18.31 -9.25
CA VAL B 30 -25.88 -17.66 -8.65
C VAL B 30 -25.15 -18.73 -7.86
N VAL B 31 -23.83 -18.63 -7.87
CA VAL B 31 -22.96 -19.36 -6.92
C VAL B 31 -22.15 -18.32 -6.15
N VAL B 32 -22.01 -18.51 -4.84
CA VAL B 32 -21.18 -17.62 -3.98
C VAL B 32 -19.99 -18.45 -3.56
N LEU B 33 -18.80 -18.02 -3.89
CA LEU B 33 -17.57 -18.77 -3.53
C LEU B 33 -16.94 -18.06 -2.33
N GLU B 34 -17.00 -18.69 -1.16
CA GLU B 34 -16.48 -18.09 0.10
C GLU B 34 -15.22 -18.84 0.58
N ALA B 35 -14.15 -18.10 0.81
CA ALA B 35 -12.82 -18.65 1.17
C ALA B 35 -12.89 -19.33 2.54
N ARG B 36 -13.59 -18.74 3.52
CA ARG B 36 -13.65 -19.22 4.92
C ARG B 36 -14.69 -20.35 5.09
N ASP B 37 -14.62 -21.04 6.23
CA ASP B 37 -15.64 -22.01 6.69
C ASP B 37 -16.90 -21.27 7.18
N ARG B 38 -17.02 -19.96 6.97
CA ARG B 38 -18.19 -19.17 7.45
C ARG B 38 -18.51 -18.04 6.46
N VAL B 39 -19.68 -17.46 6.60
CA VAL B 39 -20.08 -16.23 5.84
C VAL B 39 -20.01 -15.03 6.81
N GLY B 40 -20.07 -13.82 6.26
CA GLY B 40 -20.11 -12.58 7.05
C GLY B 40 -18.89 -11.72 6.87
N GLY B 41 -17.73 -12.32 6.64
CA GLY B 41 -16.49 -11.56 6.39
C GLY B 41 -16.09 -10.65 7.56
N ARG B 42 -16.17 -9.33 7.38
CA ARG B 42 -15.76 -8.35 8.41
C ARG B 42 -16.88 -8.19 9.45
N THR B 43 -18.00 -8.90 9.25
CA THR B 43 -18.97 -9.16 10.33
C THR B 43 -18.73 -10.56 10.85
N TYR B 44 -18.90 -10.75 12.16
CA TYR B 44 -18.73 -12.05 12.81
C TYR B 44 -19.42 -11.99 14.17
N THR B 45 -20.51 -12.75 14.30
CA THR B 45 -21.28 -12.89 15.56
C THR B 45 -20.95 -14.25 16.19
N LEU B 46 -20.25 -14.19 17.34
CA LEU B 46 -19.97 -15.36 18.20
C LEU B 46 -21.13 -15.56 19.16
N ARG B 47 -21.61 -16.81 19.26
CA ARG B 47 -22.61 -17.21 20.29
C ARG B 47 -21.96 -18.18 21.29
N ASN B 48 -22.16 -17.91 22.58
CA ASN B 48 -21.87 -18.83 23.72
C ASN B 48 -22.74 -18.38 24.89
N GLN B 49 -22.71 -19.12 25.99
CA GLN B 49 -23.72 -18.96 27.05
C GLN B 49 -23.37 -17.70 27.85
N LYS B 50 -22.07 -17.36 27.90
CA LYS B 50 -21.51 -16.21 28.65
C LYS B 50 -21.92 -14.90 27.99
N VAL B 51 -21.97 -14.81 26.64
CA VAL B 51 -22.27 -13.51 25.95
C VAL B 51 -23.67 -13.51 25.35
N LYS B 52 -24.28 -14.69 25.22
CA LYS B 52 -25.43 -15.06 24.37
C LYS B 52 -25.04 -14.88 22.89
N TYR B 53 -24.80 -13.65 22.46
CA TYR B 53 -24.27 -13.34 21.11
C TYR B 53 -23.38 -12.09 21.24
N VAL B 54 -22.34 -11.96 20.41
CA VAL B 54 -21.54 -10.71 20.38
C VAL B 54 -20.99 -10.50 18.98
N ASP B 55 -21.11 -9.27 18.50
CA ASP B 55 -20.51 -8.79 17.24
C ASP B 55 -19.03 -8.52 17.54
N LEU B 56 -18.12 -9.37 17.02
CA LEU B 56 -16.65 -9.16 17.10
C LEU B 56 -16.17 -8.39 15.88
N GLY B 57 -17.00 -8.30 14.83
CA GLY B 57 -16.73 -7.47 13.65
C GLY B 57 -17.69 -6.30 13.62
N GLY B 58 -18.12 -5.85 12.43
CA GLY B 58 -19.09 -4.77 12.26
C GLY B 58 -20.39 -5.00 13.01
N SER B 59 -20.96 -3.95 13.60
CA SER B 59 -22.10 -4.06 14.54
C SER B 59 -23.15 -2.95 14.35
N TYR B 60 -22.69 -1.70 14.28
CA TYR B 60 -23.53 -0.49 14.40
C TYR B 60 -24.20 -0.20 13.04
N VAL B 61 -25.46 0.15 13.13
CA VAL B 61 -26.24 0.80 12.04
C VAL B 61 -26.97 2.01 12.63
N GLY B 62 -27.33 2.94 11.77
CA GLY B 62 -28.00 4.18 12.21
C GLY B 62 -28.75 4.86 11.08
N PRO B 63 -29.39 6.00 11.40
CA PRO B 63 -30.17 6.74 10.42
C PRO B 63 -29.33 7.12 9.19
N THR B 64 -30.00 7.10 8.03
CA THR B 64 -29.46 7.36 6.67
C THR B 64 -28.83 6.09 6.10
N GLN B 65 -28.77 4.99 6.86
CA GLN B 65 -28.22 3.70 6.34
C GLN B 65 -29.41 2.82 5.92
N ASN B 66 -30.21 3.31 5.00
CA ASN B 66 -31.53 2.75 4.66
C ASN B 66 -31.42 1.41 3.92
N ARG B 67 -30.32 1.14 3.25
CA ARG B 67 -30.23 -0.15 2.50
C ARG B 67 -30.05 -1.33 3.48
N ILE B 68 -29.14 -1.22 4.45
CA ILE B 68 -28.83 -2.35 5.40
C ILE B 68 -30.04 -2.51 6.31
N LEU B 69 -30.69 -1.42 6.70
CA LEU B 69 -31.93 -1.48 7.50
C LEU B 69 -33.03 -2.21 6.71
N ARG B 70 -33.18 -1.96 5.41
CA ARG B 70 -34.27 -2.58 4.60
C ARG B 70 -33.95 -4.08 4.40
N LEU B 71 -32.73 -4.42 4.02
CA LEU B 71 -32.29 -5.82 3.78
C LEU B 71 -32.48 -6.62 5.06
N ALA B 72 -32.01 -6.06 6.20
CA ALA B 72 -32.07 -6.73 7.51
C ALA B 72 -33.53 -6.92 7.92
N LYS B 73 -34.38 -5.91 7.76
CA LYS B 73 -35.82 -6.04 8.08
C LYS B 73 -36.44 -7.15 7.22
N GLU B 74 -36.13 -7.23 5.94
CA GLU B 74 -36.72 -8.28 5.07
C GLU B 74 -36.23 -9.66 5.55
N LEU B 75 -35.02 -9.76 6.07
CA LEU B 75 -34.49 -11.05 6.59
C LEU B 75 -35.03 -11.37 7.99
N GLY B 76 -35.85 -10.50 8.59
CA GLY B 76 -36.55 -10.77 9.87
C GLY B 76 -35.79 -10.23 11.09
N LEU B 77 -34.84 -9.32 10.88
CA LEU B 77 -34.02 -8.75 11.97
C LEU B 77 -34.71 -7.49 12.49
N GLU B 78 -34.30 -7.14 13.71
CA GLU B 78 -34.78 -6.02 14.57
C GLU B 78 -33.52 -5.36 15.10
N THR B 79 -33.61 -4.07 15.40
CA THR B 79 -32.52 -3.28 16.03
C THR B 79 -32.91 -2.92 17.46
N TYR B 80 -31.89 -2.57 18.23
CA TYR B 80 -32.05 -1.88 19.51
C TYR B 80 -31.01 -0.75 19.52
N LYS B 81 -31.24 0.21 20.41
CA LYS B 81 -30.46 1.47 20.51
C LYS B 81 -29.27 1.23 21.42
N VAL B 82 -28.07 1.64 21.00
CA VAL B 82 -26.85 1.67 21.86
C VAL B 82 -27.17 2.57 23.04
N ASN B 83 -26.81 2.15 24.26
CA ASN B 83 -27.14 2.95 25.47
C ASN B 83 -26.44 4.31 25.39
N GLU B 84 -27.21 5.41 25.32
CA GLU B 84 -26.71 6.80 25.40
C GLU B 84 -27.64 7.64 26.27
N VAL B 85 -28.26 7.06 27.30
CA VAL B 85 -29.20 7.77 28.21
C VAL B 85 -28.41 8.77 29.12
N GLU B 86 -27.30 8.33 29.71
CA GLU B 86 -26.50 9.01 30.74
C GLU B 86 -25.31 9.69 30.05
N ARG B 87 -24.30 10.13 30.81
CA ARG B 87 -23.31 11.10 30.29
C ARG B 87 -22.19 10.34 29.58
N LEU B 88 -21.71 10.92 28.48
CA LEU B 88 -20.47 10.51 27.80
C LEU B 88 -19.30 10.95 28.69
N ILE B 89 -18.14 10.34 28.53
CA ILE B 89 -16.90 10.79 29.24
C ILE B 89 -15.84 11.14 28.20
N HIS B 90 -15.22 12.31 28.35
CA HIS B 90 -13.91 12.62 27.71
C HIS B 90 -12.86 12.57 28.82
N HIS B 91 -11.91 11.64 28.71
CA HIS B 91 -10.75 11.52 29.61
C HIS B 91 -9.55 12.23 28.99
N VAL B 92 -9.10 13.29 29.64
CA VAL B 92 -8.01 14.20 29.18
C VAL B 92 -7.06 14.43 30.37
N LYS B 93 -5.77 14.32 30.13
CA LYS B 93 -4.71 14.56 31.15
C LYS B 93 -5.08 13.91 32.49
N GLY B 94 -5.45 12.62 32.49
CA GLY B 94 -5.66 11.83 33.71
C GLY B 94 -6.96 12.15 34.43
N LYS B 95 -7.94 12.75 33.73
CA LYS B 95 -9.20 13.17 34.39
C LYS B 95 -10.41 12.92 33.47
N SER B 96 -11.53 12.47 34.05
CA SER B 96 -12.80 12.23 33.32
C SER B 96 -13.70 13.47 33.40
N TYR B 97 -14.09 14.00 32.23
CA TYR B 97 -15.00 15.15 32.04
C TYR B 97 -16.28 14.61 31.42
N PRO B 98 -17.33 14.37 32.23
CA PRO B 98 -18.62 13.94 31.72
C PRO B 98 -19.23 15.08 30.89
N PHE B 99 -20.06 14.73 29.92
CA PHE B 99 -20.68 15.65 28.94
C PHE B 99 -21.83 14.95 28.24
N ARG B 100 -22.65 15.76 27.58
CA ARG B 100 -23.87 15.40 26.81
C ARG B 100 -23.72 16.09 25.45
N GLY B 101 -24.40 15.59 24.41
CA GLY B 101 -24.20 16.07 23.03
C GLY B 101 -23.02 15.32 22.43
N PRO B 102 -22.93 15.27 21.08
CA PRO B 102 -21.99 14.37 20.42
C PRO B 102 -20.50 14.75 20.48
N PHE B 103 -20.22 16.06 20.56
CA PHE B 103 -18.85 16.64 20.48
C PHE B 103 -18.36 16.91 21.90
N PRO B 104 -17.18 16.36 22.27
CA PRO B 104 -16.61 16.62 23.58
C PRO B 104 -16.42 18.13 23.72
N PRO B 105 -16.96 18.77 24.78
CA PRO B 105 -16.83 20.22 24.94
C PRO B 105 -15.44 20.63 25.42
N VAL B 106 -15.12 21.93 25.27
CA VAL B 106 -13.91 22.59 25.80
C VAL B 106 -14.29 23.96 26.38
N TRP B 107 -13.50 24.40 27.35
CA TRP B 107 -13.82 25.58 28.20
C TRP B 107 -12.87 26.75 27.87
N ASN B 108 -11.57 26.53 27.72
CA ASN B 108 -10.60 27.58 27.29
C ASN B 108 -11.10 28.23 26.00
N PRO B 109 -11.27 29.57 25.94
CA PRO B 109 -11.89 30.22 24.78
C PRO B 109 -11.11 30.09 23.45
N ILE B 110 -9.78 30.07 23.52
CA ILE B 110 -8.89 29.85 22.33
C ILE B 110 -9.08 28.40 21.85
N THR B 111 -9.02 27.44 22.77
CA THR B 111 -9.21 25.99 22.48
C THR B 111 -10.60 25.82 21.87
N TYR B 112 -11.61 26.54 22.39
CA TYR B 112 -12.99 26.49 21.86
C TYR B 112 -12.97 26.89 20.39
N LEU B 113 -12.34 28.02 20.05
CA LEU B 113 -12.30 28.50 18.65
C LEU B 113 -11.61 27.41 17.79
N ASP B 114 -10.55 26.81 18.31
CA ASP B 114 -9.71 25.85 17.54
C ASP B 114 -10.53 24.59 17.28
N HIS B 115 -11.26 24.11 18.28
CA HIS B 115 -12.09 22.87 18.17
C HIS B 115 -13.23 23.15 17.19
N ASN B 116 -13.94 24.25 17.39
CA ASN B 116 -15.08 24.62 16.53
C ASN B 116 -14.62 24.69 15.07
N ASN B 117 -13.48 25.35 14.84
CA ASN B 117 -12.98 25.60 13.48
C ASN B 117 -12.58 24.26 12.85
N PHE B 118 -12.02 23.32 13.61
CA PHE B 118 -11.51 22.04 13.05
C PHE B 118 -12.69 21.24 12.48
N TRP B 119 -13.72 20.99 13.31
CA TRP B 119 -14.92 20.23 12.92
C TRP B 119 -15.61 20.93 11.75
N ARG B 120 -15.78 22.25 11.81
CA ARG B 120 -16.43 23.06 10.74
C ARG B 120 -15.67 22.94 9.43
N THR B 121 -14.33 22.98 9.50
CA THR B 121 -13.45 22.94 8.31
C THR B 121 -13.51 21.58 7.62
N MET B 122 -13.65 20.48 8.37
CA MET B 122 -13.73 19.10 7.80
C MET B 122 -15.00 19.05 6.92
N ASP B 123 -16.11 19.60 7.39
CA ASP B 123 -17.37 19.63 6.61
C ASP B 123 -17.26 20.65 5.46
N ASP B 124 -16.70 21.83 5.65
CA ASP B 124 -16.53 22.84 4.55
C ASP B 124 -15.73 22.18 3.43
N MET B 125 -14.62 21.52 3.75
CA MET B 125 -13.76 20.89 2.72
C MET B 125 -14.57 19.78 2.05
N GLY B 126 -15.41 19.07 2.83
CA GLY B 126 -16.20 17.93 2.33
C GLY B 126 -17.21 18.36 1.28
N ARG B 127 -17.74 19.58 1.44
CA ARG B 127 -18.79 20.10 0.53
C ARG B 127 -18.26 20.23 -0.90
N GLU B 128 -16.96 20.18 -1.11
CA GLU B 128 -16.39 20.37 -2.47
C GLU B 128 -15.96 19.01 -3.02
N ILE B 129 -16.30 17.91 -2.33
CA ILE B 129 -15.87 16.54 -2.71
C ILE B 129 -17.09 15.72 -3.14
N PRO B 130 -17.18 15.40 -4.46
CA PRO B 130 -18.26 14.56 -4.94
C PRO B 130 -18.11 13.13 -4.38
N SER B 131 -19.21 12.61 -3.84
CA SER B 131 -19.30 11.27 -3.23
C SER B 131 -18.90 10.20 -4.26
N ASP B 132 -19.37 10.35 -5.49
CA ASP B 132 -19.14 9.30 -6.52
C ASP B 132 -17.83 9.55 -7.26
N ALA B 133 -17.04 10.56 -6.89
CA ALA B 133 -15.81 10.91 -7.64
C ALA B 133 -14.96 11.90 -6.86
N PRO B 134 -14.35 11.50 -5.71
CA PRO B 134 -13.59 12.45 -4.90
C PRO B 134 -12.39 13.05 -5.65
N TRP B 135 -11.85 12.35 -6.65
CA TRP B 135 -10.74 12.83 -7.55
C TRP B 135 -11.14 14.05 -8.41
N LYS B 136 -12.43 14.41 -8.48
CA LYS B 136 -12.96 15.60 -9.21
C LYS B 136 -13.17 16.76 -8.23
N ALA B 137 -12.75 16.60 -6.98
CA ALA B 137 -12.68 17.73 -6.01
C ALA B 137 -11.81 18.80 -6.65
N PRO B 138 -12.21 20.09 -6.59
CA PRO B 138 -11.43 21.14 -7.22
C PRO B 138 -9.99 21.14 -6.71
N LEU B 139 -9.74 20.85 -5.43
CA LEU B 139 -8.36 20.82 -4.87
C LEU B 139 -7.90 19.36 -4.68
N ALA B 140 -8.31 18.47 -5.59
CA ALA B 140 -8.16 17.01 -5.39
C ALA B 140 -6.67 16.68 -5.22
N GLU B 141 -5.79 17.21 -6.06
CA GLU B 141 -4.36 16.84 -6.03
C GLU B 141 -3.74 17.42 -4.78
N GLU B 142 -4.02 18.68 -4.50
CA GLU B 142 -3.46 19.36 -3.31
C GLU B 142 -3.83 18.54 -2.06
N TRP B 143 -5.08 18.09 -1.93
CA TRP B 143 -5.58 17.41 -0.69
C TRP B 143 -5.05 15.98 -0.65
N ASP B 144 -4.90 15.35 -1.81
CA ASP B 144 -4.44 13.94 -1.93
C ASP B 144 -2.93 13.82 -1.65
N ASN B 145 -2.15 14.87 -1.88
CA ASN B 145 -0.65 14.86 -1.80
C ASN B 145 -0.18 15.29 -0.41
N MET B 146 -1.11 15.30 0.53
CA MET B 146 -0.97 15.72 1.93
C MET B 146 -1.58 14.60 2.78
N THR B 147 -0.97 14.25 3.91
CA THR B 147 -1.58 13.31 4.87
C THR B 147 -2.52 14.07 5.81
N MET B 148 -3.39 13.35 6.51
CA MET B 148 -4.26 13.96 7.53
C MET B 148 -3.37 14.57 8.64
N LYS B 149 -2.18 14.01 8.90
CA LYS B 149 -1.24 14.61 9.86
C LYS B 149 -0.86 16.03 9.43
N GLU B 150 -0.42 16.19 8.19
CA GLU B 150 -0.11 17.53 7.62
C GLU B 150 -1.33 18.44 7.78
N LEU B 151 -2.53 17.97 7.41
CA LEU B 151 -3.72 18.87 7.44
C LEU B 151 -3.92 19.29 8.91
N LEU B 152 -3.77 18.37 9.87
CA LEU B 152 -4.01 18.69 11.30
C LEU B 152 -2.93 19.64 11.81
N ASP B 153 -1.67 19.43 11.39
CA ASP B 153 -0.57 20.35 11.78
C ASP B 153 -0.87 21.74 11.26
N LYS B 154 -1.51 21.90 10.09
CA LYS B 154 -1.88 23.23 9.53
C LYS B 154 -3.09 23.79 10.26
N LEU B 155 -4.08 22.95 10.57
CA LEU B 155 -5.42 23.42 11.03
C LEU B 155 -5.40 23.73 12.54
N CYS B 156 -4.71 22.93 13.34
CA CYS B 156 -4.86 22.86 14.80
C CYS B 156 -3.80 23.73 15.48
N TRP B 157 -4.22 24.87 15.97
CA TRP B 157 -3.33 25.81 16.72
C TRP B 157 -3.13 25.34 18.16
N THR B 158 -3.96 24.41 18.65
CA THR B 158 -3.88 23.88 20.04
C THR B 158 -3.61 22.38 20.02
N GLU B 159 -2.84 21.93 21.01
CA GLU B 159 -2.54 20.50 21.26
C GLU B 159 -3.84 19.78 21.62
N SER B 160 -4.72 20.44 22.37
CA SER B 160 -6.06 19.86 22.70
C SER B 160 -6.80 19.49 21.40
N ALA B 161 -6.94 20.38 20.43
CA ALA B 161 -7.66 20.09 19.18
C ALA B 161 -6.88 19.02 18.41
N LYS B 162 -5.56 19.11 18.36
CA LYS B 162 -4.78 18.17 17.52
C LYS B 162 -4.95 16.74 18.08
N GLN B 163 -4.97 16.58 19.39
CA GLN B 163 -5.12 15.27 20.06
C GLN B 163 -6.52 14.72 19.77
N LEU B 164 -7.56 15.54 19.87
CA LEU B 164 -8.93 15.02 19.62
C LEU B 164 -9.08 14.69 18.13
N ALA B 165 -8.54 15.51 17.23
CA ALA B 165 -8.67 15.29 15.77
C ALA B 165 -7.89 14.02 15.40
N THR B 166 -6.73 13.80 16.01
CA THR B 166 -5.94 12.57 15.80
C THR B 166 -6.80 11.36 16.22
N LEU B 167 -7.46 11.44 17.38
CA LEU B 167 -8.26 10.30 17.90
C LEU B 167 -9.38 10.07 16.88
N PHE B 168 -9.99 11.16 16.37
CA PHE B 168 -11.12 11.09 15.41
C PHE B 168 -10.68 10.24 14.20
N VAL B 169 -9.51 10.54 13.64
CA VAL B 169 -8.98 9.83 12.45
C VAL B 169 -8.73 8.37 12.86
N ASN B 170 -8.00 8.15 13.96
CA ASN B 170 -7.60 6.80 14.40
C ASN B 170 -8.87 5.95 14.58
N LEU B 171 -9.92 6.51 15.16
CA LEU B 171 -11.18 5.78 15.48
C LEU B 171 -11.99 5.52 14.20
N CYS B 172 -12.15 6.52 13.35
CA CYS B 172 -12.98 6.41 12.12
CA CYS B 172 -12.98 6.41 12.13
C CYS B 172 -12.36 5.48 11.09
N VAL B 173 -11.03 5.51 10.91
CA VAL B 173 -10.41 4.73 9.79
C VAL B 173 -9.26 3.81 10.26
N THR B 174 -9.11 3.57 11.57
CA THR B 174 -8.20 2.54 12.16
C THR B 174 -6.79 2.67 11.57
N ALA B 175 -6.34 3.92 11.42
CA ALA B 175 -5.06 4.27 10.78
C ALA B 175 -4.57 5.61 11.34
N GLU B 176 -3.26 5.79 11.25
CA GLU B 176 -2.58 6.97 11.80
C GLU B 176 -2.89 8.14 10.84
N THR B 177 -2.91 9.37 11.36
CA THR B 177 -3.11 10.59 10.56
C THR B 177 -2.05 10.62 9.44
N HIS B 178 -0.82 10.21 9.70
CA HIS B 178 0.33 10.30 8.75
C HIS B 178 0.28 9.19 7.71
N GLU B 179 -0.59 8.20 7.87
CA GLU B 179 -0.72 7.03 6.97
C GLU B 179 -1.64 7.37 5.80
N VAL B 180 -2.63 8.25 5.99
CA VAL B 180 -3.82 8.44 5.09
C VAL B 180 -3.77 9.77 4.34
N SER B 181 -4.20 9.78 3.09
CA SER B 181 -4.56 10.98 2.27
C SER B 181 -5.59 11.86 3.00
N ALA B 182 -5.37 13.17 3.06
CA ALA B 182 -6.36 14.16 3.50
C ALA B 182 -7.59 14.04 2.59
N LEU B 183 -7.40 14.01 1.26
CA LEU B 183 -8.55 13.98 0.31
C LEU B 183 -9.42 12.77 0.61
N TRP B 184 -8.78 11.61 0.79
CA TRP B 184 -9.53 10.36 1.04
C TRP B 184 -10.30 10.47 2.38
N PHE B 185 -9.63 10.88 3.46
CA PHE B 185 -10.26 10.96 4.79
C PHE B 185 -11.43 11.96 4.70
N LEU B 186 -11.22 13.08 4.03
CA LEU B 186 -12.29 14.13 3.92
C LEU B 186 -13.50 13.60 3.13
N TRP B 187 -13.21 12.86 2.06
CA TRP B 187 -14.24 12.13 1.30
C TRP B 187 -14.99 11.17 2.21
N TYR B 188 -14.24 10.39 3.00
CA TYR B 188 -14.80 9.32 3.84
C TYR B 188 -15.85 9.92 4.79
N VAL B 189 -15.53 11.03 5.45
CA VAL B 189 -16.43 11.68 6.46
C VAL B 189 -17.65 12.20 5.70
N LYS B 190 -17.41 12.85 4.57
CA LYS B 190 -18.47 13.53 3.79
C LYS B 190 -19.44 12.51 3.22
N GLN B 191 -18.96 11.38 2.71
CA GLN B 191 -19.82 10.31 2.16
C GLN B 191 -20.58 9.57 3.29
N CYS B 192 -20.34 9.86 4.57
CA CYS B 192 -21.20 9.36 5.68
C CYS B 192 -22.15 10.46 6.16
N GLY B 193 -22.20 11.61 5.45
CA GLY B 193 -23.08 12.75 5.81
C GLY B 193 -22.42 13.77 6.76
N GLY B 194 -21.10 13.72 6.95
CA GLY B 194 -20.36 14.74 7.72
C GLY B 194 -19.95 14.32 9.11
N THR B 195 -19.24 15.21 9.80
CA THR B 195 -18.65 14.96 11.14
C THR B 195 -19.73 14.52 12.12
N THR B 196 -20.82 15.28 12.24
CA THR B 196 -21.86 14.99 13.24
C THR B 196 -22.43 13.60 13.02
N ARG B 197 -22.87 13.31 11.80
CA ARG B 197 -23.49 12.01 11.50
C ARG B 197 -22.46 10.89 11.81
N ILE B 198 -21.20 11.07 11.43
CA ILE B 198 -20.26 9.93 11.52
C ILE B 198 -19.91 9.64 12.97
N ILE B 199 -19.84 10.65 13.85
CA ILE B 199 -19.32 10.48 15.25
C ILE B 199 -20.48 10.22 16.19
N SER B 200 -21.72 10.42 15.74
CA SER B 200 -22.89 10.41 16.65
C SER B 200 -23.35 8.96 16.90
N THR B 201 -23.69 8.68 18.15
CA THR B 201 -24.53 7.52 18.55
C THR B 201 -25.99 7.91 18.27
N THR B 202 -26.65 8.65 19.17
CA THR B 202 -28.02 9.15 18.90
C THR B 202 -28.00 9.94 17.58
N ASN B 203 -28.85 9.54 16.61
CA ASN B 203 -29.03 10.22 15.31
C ASN B 203 -27.75 10.15 14.45
N GLY B 204 -26.90 9.13 14.67
CA GLY B 204 -25.70 8.91 13.83
C GLY B 204 -25.40 7.44 13.56
N GLY B 205 -24.19 7.18 13.06
CA GLY B 205 -23.75 5.84 12.61
C GLY B 205 -23.73 4.80 13.71
N GLN B 206 -23.61 5.17 14.98
CA GLN B 206 -23.53 4.19 16.09
C GLN B 206 -24.83 4.11 16.89
N GLU B 207 -25.96 4.57 16.35
CA GLU B 207 -27.23 4.57 17.10
C GLU B 207 -27.64 3.15 17.50
N ARG B 208 -27.46 2.15 16.65
CA ARG B 208 -28.16 0.87 16.84
C ARG B 208 -27.29 -0.34 16.54
N LYS B 209 -27.68 -1.49 17.13
CA LYS B 209 -27.17 -2.84 16.79
C LYS B 209 -28.34 -3.74 16.38
N PHE B 210 -28.01 -4.85 15.71
CA PHE B 210 -29.01 -5.90 15.40
C PHE B 210 -29.17 -6.80 16.62
N VAL B 211 -30.43 -7.08 16.98
CA VAL B 211 -30.80 -8.12 17.96
C VAL B 211 -30.26 -9.45 17.42
N GLY B 212 -29.35 -10.07 18.16
CA GLY B 212 -28.78 -11.37 17.78
C GLY B 212 -27.53 -11.22 16.91
N GLY B 213 -27.14 -9.99 16.51
CA GLY B 213 -25.87 -9.76 15.82
C GLY B 213 -25.98 -9.58 14.33
N SER B 214 -25.04 -8.82 13.77
CA SER B 214 -25.04 -8.42 12.35
C SER B 214 -24.76 -9.64 11.47
N GLY B 215 -24.12 -10.68 12.01
CA GLY B 215 -23.74 -11.88 11.25
C GLY B 215 -24.94 -12.54 10.60
N GLN B 216 -26.11 -12.33 11.20
CA GLN B 216 -27.39 -12.91 10.76
C GLN B 216 -27.72 -12.39 9.37
N VAL B 217 -27.22 -11.21 8.99
CA VAL B 217 -27.50 -10.69 7.62
C VAL B 217 -26.92 -11.69 6.62
N SER B 218 -25.63 -11.97 6.70
CA SER B 218 -24.97 -12.91 5.78
C SER B 218 -25.50 -14.35 6.00
N GLU B 219 -25.72 -14.78 7.25
CA GLU B 219 -26.14 -16.18 7.56
C GLU B 219 -27.53 -16.43 6.94
N ARG B 220 -28.44 -15.46 7.04
CA ARG B 220 -29.83 -15.64 6.57
C ARG B 220 -29.88 -15.58 5.05
N ILE B 221 -29.00 -14.82 4.41
CA ILE B 221 -28.92 -14.87 2.94
C ILE B 221 -28.35 -16.24 2.57
N MET B 222 -27.34 -16.73 3.27
CA MET B 222 -26.83 -18.10 2.97
C MET B 222 -27.97 -19.11 3.16
N ASP B 223 -28.87 -18.87 4.11
CA ASP B 223 -30.01 -19.76 4.42
C ASP B 223 -30.93 -19.79 3.18
N LEU B 224 -31.24 -18.62 2.59
CA LEU B 224 -32.07 -18.51 1.35
C LEU B 224 -31.40 -19.27 0.21
N LEU B 225 -30.09 -19.09 0.06
CA LEU B 225 -29.38 -19.56 -1.15
C LEU B 225 -29.03 -21.07 -1.07
N GLY B 226 -29.04 -21.69 0.13
CA GLY B 226 -28.68 -23.10 0.34
C GLY B 226 -27.31 -23.41 -0.23
N ASP B 227 -27.18 -24.51 -0.96
CA ASP B 227 -25.86 -25.04 -1.42
C ASP B 227 -25.36 -24.24 -2.62
N ARG B 228 -26.08 -23.19 -3.05
CA ARG B 228 -25.50 -22.21 -4.00
C ARG B 228 -24.30 -21.50 -3.33
N VAL B 229 -24.26 -21.50 -1.99
CA VAL B 229 -23.08 -20.99 -1.23
C VAL B 229 -22.10 -22.13 -0.97
N LYS B 230 -20.85 -21.95 -1.39
CA LYS B 230 -19.73 -22.91 -1.21
C LYS B 230 -18.75 -22.34 -0.19
N LEU B 231 -18.68 -22.95 0.97
CA LEU B 231 -17.75 -22.59 2.05
C LEU B 231 -16.40 -23.25 1.77
N GLU B 232 -15.31 -22.62 2.26
CA GLU B 232 -13.89 -23.02 2.04
C GLU B 232 -13.59 -23.20 0.54
N ARG B 233 -14.08 -22.27 -0.28
CA ARG B 233 -13.76 -22.14 -1.71
C ARG B 233 -13.08 -20.78 -1.89
N PRO B 234 -11.81 -20.64 -1.44
CA PRO B 234 -10.97 -19.52 -1.83
C PRO B 234 -10.81 -19.55 -3.37
N VAL B 235 -11.16 -18.46 -4.03
CA VAL B 235 -10.91 -18.29 -5.48
C VAL B 235 -9.42 -17.97 -5.69
N ILE B 236 -8.79 -18.68 -6.61
CA ILE B 236 -7.33 -18.58 -6.92
C ILE B 236 -7.10 -18.13 -8.36
N TYR B 237 -8.07 -18.26 -9.26
CA TYR B 237 -7.84 -18.12 -10.71
C TYR B 237 -9.14 -17.73 -11.40
N ILE B 238 -9.06 -16.69 -12.21
CA ILE B 238 -10.18 -16.26 -13.08
C ILE B 238 -9.64 -16.13 -14.49
N ASP B 239 -10.28 -16.83 -15.43
CA ASP B 239 -9.90 -16.87 -16.86
C ASP B 239 -11.06 -16.31 -17.68
N GLN B 240 -10.81 -15.20 -18.38
CA GLN B 240 -11.83 -14.51 -19.23
C GLN B 240 -11.49 -14.69 -20.72
N THR B 241 -10.57 -15.56 -21.09
CA THR B 241 -10.10 -15.68 -22.50
C THR B 241 -11.12 -16.42 -23.35
N ARG B 242 -12.09 -17.13 -22.74
CA ARG B 242 -13.04 -18.02 -23.46
C ARG B 242 -14.43 -17.38 -23.46
N GLU B 243 -15.41 -18.15 -23.97
CA GLU B 243 -16.81 -17.76 -24.23
C GLU B 243 -17.55 -17.46 -22.91
N ASN B 244 -17.45 -18.37 -21.95
CA ASN B 244 -17.91 -18.21 -20.55
C ASN B 244 -16.67 -17.91 -19.71
N VAL B 245 -16.84 -17.24 -18.57
CA VAL B 245 -15.77 -16.93 -17.59
C VAL B 245 -15.52 -18.20 -16.76
N LEU B 246 -14.26 -18.57 -16.54
CA LEU B 246 -13.89 -19.72 -15.69
C LEU B 246 -13.34 -19.18 -14.36
N VAL B 247 -13.85 -19.72 -13.25
CA VAL B 247 -13.38 -19.36 -11.88
C VAL B 247 -12.95 -20.62 -11.18
N GLU B 248 -11.71 -20.69 -10.72
CA GLU B 248 -11.21 -21.90 -10.06
C GLU B 248 -10.98 -21.58 -8.58
N THR B 249 -11.24 -22.57 -7.73
CA THR B 249 -11.00 -22.47 -6.27
C THR B 249 -9.74 -23.27 -5.93
N LEU B 250 -9.24 -23.06 -4.73
CA LEU B 250 -8.01 -23.68 -4.20
C LEU B 250 -8.15 -25.20 -4.13
N ASN B 251 -9.35 -25.70 -3.81
CA ASN B 251 -9.70 -27.14 -3.74
C ASN B 251 -10.04 -27.67 -5.15
N HIS B 252 -9.59 -27.02 -6.23
CA HIS B 252 -9.60 -27.52 -7.63
C HIS B 252 -11.02 -27.67 -8.20
N GLU B 253 -12.01 -26.95 -7.67
CA GLU B 253 -13.33 -26.85 -8.35
C GLU B 253 -13.23 -25.78 -9.44
N MET B 254 -13.95 -26.00 -10.54
CA MET B 254 -14.05 -25.04 -11.66
C MET B 254 -15.51 -24.60 -11.76
N TYR B 255 -15.77 -23.30 -11.77
CA TYR B 255 -17.11 -22.70 -11.97
C TYR B 255 -17.08 -21.92 -13.28
N GLU B 256 -18.16 -22.06 -14.04
CA GLU B 256 -18.33 -21.45 -15.36
C GLU B 256 -19.56 -20.56 -15.31
N ALA B 257 -19.41 -19.30 -15.66
CA ALA B 257 -20.50 -18.32 -15.62
C ALA B 257 -20.37 -17.32 -16.78
N LYS B 258 -21.45 -16.55 -16.99
CA LYS B 258 -21.47 -15.45 -17.96
C LYS B 258 -20.78 -14.23 -17.30
N TYR B 259 -20.96 -14.02 -16.00
CA TYR B 259 -20.40 -12.85 -15.29
C TYR B 259 -19.91 -13.22 -13.88
N VAL B 260 -19.04 -12.35 -13.35
CA VAL B 260 -18.44 -12.48 -12.00
C VAL B 260 -18.65 -11.16 -11.24
N ILE B 261 -18.97 -11.24 -9.96
CA ILE B 261 -18.93 -10.08 -9.04
C ILE B 261 -17.81 -10.39 -8.05
N SER B 262 -16.78 -9.53 -8.06
CA SER B 262 -15.71 -9.49 -7.03
C SER B 262 -16.26 -8.72 -5.83
N ALA B 263 -16.56 -9.42 -4.74
CA ALA B 263 -17.17 -8.83 -3.53
C ALA B 263 -16.19 -8.93 -2.36
N ILE B 264 -14.90 -8.78 -2.65
CA ILE B 264 -13.79 -8.84 -1.67
C ILE B 264 -13.15 -7.47 -1.58
N PRO B 265 -12.45 -7.15 -0.48
CA PRO B 265 -11.64 -5.96 -0.39
C PRO B 265 -10.71 -5.85 -1.59
N PRO B 266 -10.56 -4.63 -2.15
CA PRO B 266 -9.76 -4.45 -3.35
C PRO B 266 -8.43 -5.20 -3.33
N THR B 267 -7.62 -5.05 -2.28
CA THR B 267 -6.25 -5.61 -2.24
C THR B 267 -6.30 -7.16 -2.27
N LEU B 268 -7.42 -7.77 -1.85
CA LEU B 268 -7.53 -9.25 -1.79
C LEU B 268 -7.76 -9.83 -3.20
N GLY B 269 -8.05 -8.97 -4.18
CA GLY B 269 -7.83 -9.22 -5.62
C GLY B 269 -6.45 -9.78 -5.91
N MET B 270 -5.44 -9.40 -5.12
CA MET B 270 -4.05 -9.87 -5.31
C MET B 270 -4.00 -11.40 -5.15
N LYS B 271 -4.92 -12.00 -4.37
CA LYS B 271 -4.88 -13.46 -4.10
C LYS B 271 -5.39 -14.28 -5.30
N ILE B 272 -5.85 -13.62 -6.34
CA ILE B 272 -6.42 -14.25 -7.56
C ILE B 272 -5.40 -14.01 -8.69
N HIS B 273 -5.08 -15.07 -9.45
CA HIS B 273 -4.29 -15.06 -10.70
C HIS B 273 -5.25 -14.90 -11.89
N PHE B 274 -5.02 -13.85 -12.68
CA PHE B 274 -5.88 -13.45 -13.81
C PHE B 274 -5.25 -13.79 -15.15
N ASN B 275 -6.09 -14.35 -16.02
CA ASN B 275 -5.85 -14.59 -17.46
C ASN B 275 -7.03 -13.98 -18.20
N PRO B 276 -6.86 -12.93 -19.05
CA PRO B 276 -5.57 -12.29 -19.27
C PRO B 276 -5.19 -11.47 -18.05
N PRO B 277 -3.94 -10.97 -17.97
CA PRO B 277 -3.55 -10.08 -16.88
C PRO B 277 -4.60 -8.96 -16.74
N LEU B 278 -4.77 -8.48 -15.51
CA LEU B 278 -5.59 -7.25 -15.30
C LEU B 278 -5.00 -6.10 -16.12
N PRO B 279 -5.82 -5.13 -16.56
CA PRO B 279 -5.31 -3.86 -17.06
C PRO B 279 -4.36 -3.26 -15.99
N MET B 280 -3.33 -2.59 -16.48
CA MET B 280 -2.24 -1.95 -15.70
C MET B 280 -2.78 -1.22 -14.46
N MET B 281 -3.75 -0.33 -14.62
CA MET B 281 -4.15 0.56 -13.51
C MET B 281 -4.73 -0.27 -12.35
N ARG B 282 -5.47 -1.35 -12.62
CA ARG B 282 -6.01 -2.23 -11.55
C ARG B 282 -4.88 -3.10 -11.00
N ASN B 283 -4.00 -3.60 -11.88
CA ASN B 283 -2.84 -4.44 -11.47
C ASN B 283 -2.05 -3.69 -10.39
N GLN B 284 -1.82 -2.39 -10.55
CA GLN B 284 -1.07 -1.60 -9.52
C GLN B 284 -2.00 -1.16 -8.37
N MET B 285 -3.26 -0.83 -8.63
CA MET B 285 -4.19 -0.23 -7.64
C MET B 285 -4.34 -1.16 -6.44
N ILE B 286 -4.45 -2.45 -6.73
CA ILE B 286 -4.71 -3.51 -5.72
C ILE B 286 -3.47 -3.83 -4.87
N THR B 287 -2.33 -3.20 -5.16
CA THR B 287 -1.13 -3.20 -4.29
C THR B 287 -1.04 -1.94 -3.41
N ARG B 288 -1.99 -1.00 -3.50
CA ARG B 288 -1.78 0.38 -3.00
C ARG B 288 -2.80 0.73 -1.91
N VAL B 289 -3.58 -0.25 -1.45
CA VAL B 289 -4.89 -0.01 -0.77
C VAL B 289 -5.00 -0.95 0.40
N PRO B 290 -4.18 -0.74 1.45
CA PRO B 290 -4.28 -1.53 2.67
C PRO B 290 -5.59 -1.28 3.45
N LEU B 291 -5.87 -2.18 4.38
CA LEU B 291 -6.93 -2.01 5.38
C LEU B 291 -6.27 -1.65 6.72
N GLY B 292 -7.04 -0.98 7.56
CA GLY B 292 -6.60 -0.50 8.88
C GLY B 292 -6.46 -1.63 9.88
N SER B 293 -6.12 -1.27 11.11
CA SER B 293 -5.65 -2.19 12.15
C SER B 293 -6.49 -1.95 13.40
N VAL B 294 -7.14 -3.01 13.89
CA VAL B 294 -8.03 -2.87 15.08
C VAL B 294 -8.19 -4.24 15.76
N ILE B 295 -8.22 -4.19 17.09
CA ILE B 295 -8.65 -5.29 17.99
C ILE B 295 -9.93 -4.83 18.62
N LYS B 296 -10.99 -5.56 18.38
CA LYS B 296 -12.28 -5.26 19.01
C LYS B 296 -12.34 -6.13 20.26
N CYS B 297 -12.57 -5.51 21.41
CA CYS B 297 -12.45 -6.10 22.75
C CYS B 297 -13.75 -5.82 23.51
N ILE B 298 -14.39 -6.87 24.04
CA ILE B 298 -15.62 -6.70 24.86
C ILE B 298 -15.37 -7.34 26.23
N VAL B 299 -15.48 -6.52 27.29
CA VAL B 299 -15.31 -6.93 28.71
C VAL B 299 -16.71 -6.98 29.31
N TYR B 300 -17.05 -8.12 29.91
CA TYR B 300 -18.38 -8.44 30.50
C TYR B 300 -18.28 -8.24 32.01
N TYR B 301 -19.38 -7.79 32.61
CA TYR B 301 -19.53 -7.49 34.05
C TYR B 301 -20.88 -7.99 34.50
N LYS B 302 -21.03 -8.06 35.81
CA LYS B 302 -22.24 -8.62 36.46
C LYS B 302 -23.38 -7.65 36.13
N GLU B 303 -23.11 -6.35 36.05
CA GLU B 303 -24.14 -5.28 35.96
C GLU B 303 -23.55 -4.17 35.11
N PRO B 304 -24.38 -3.32 34.46
CA PRO B 304 -23.86 -2.14 33.78
C PRO B 304 -23.64 -1.03 34.83
N PHE B 305 -22.59 -1.18 35.63
CA PHE B 305 -22.41 -0.40 36.89
C PHE B 305 -22.14 1.07 36.58
N TRP B 306 -21.52 1.37 35.46
CA TRP B 306 -21.29 2.77 35.03
C TRP B 306 -22.58 3.60 35.09
N ARG B 307 -23.72 3.01 34.71
CA ARG B 307 -25.02 3.70 34.73
C ARG B 307 -25.30 4.27 36.12
N LYS B 308 -24.83 3.64 37.20
CA LYS B 308 -25.14 4.06 38.59
C LYS B 308 -24.49 5.42 38.86
N LYS B 309 -23.44 5.79 38.14
CA LYS B 309 -22.73 7.10 38.30
C LYS B 309 -23.15 8.07 37.21
N ASP B 310 -24.26 7.79 36.51
CA ASP B 310 -24.76 8.64 35.40
C ASP B 310 -23.70 8.67 34.27
N TYR B 311 -22.99 7.55 34.02
CA TYR B 311 -22.19 7.32 32.78
C TYR B 311 -22.93 6.34 31.83
N CYS B 312 -23.02 6.64 30.53
CA CYS B 312 -23.69 5.75 29.53
C CYS B 312 -22.77 4.60 29.14
N GLY B 313 -21.46 4.75 29.32
CA GLY B 313 -20.46 3.71 29.00
C GLY B 313 -19.59 4.12 27.84
N THR B 314 -19.95 5.26 27.21
CA THR B 314 -19.13 5.91 26.14
C THR B 314 -17.91 6.56 26.79
N MET B 315 -16.73 6.17 26.36
CA MET B 315 -15.45 6.73 26.83
C MET B 315 -14.66 7.19 25.61
N ILE B 316 -14.21 8.44 25.64
CA ILE B 316 -13.28 9.05 24.66
C ILE B 316 -11.98 9.37 25.41
N ILE B 317 -10.91 8.64 25.08
CA ILE B 317 -9.72 8.58 25.94
C ILE B 317 -8.50 9.01 25.15
N ASP B 318 -8.02 10.23 25.43
CA ASP B 318 -6.91 10.87 24.67
C ASP B 318 -5.59 10.16 25.02
N GLY B 319 -4.57 10.25 24.16
CA GLY B 319 -3.15 10.07 24.53
C GLY B 319 -2.62 8.69 24.17
N GLU B 320 -1.29 8.55 24.26
CA GLU B 320 -0.53 7.37 23.75
C GLU B 320 -0.73 6.18 24.71
N GLU B 321 -0.80 6.46 26.00
CA GLU B 321 -0.70 5.49 27.14
C GLU B 321 -1.91 4.54 27.12
N ALA B 322 -3.10 5.07 26.89
CA ALA B 322 -4.37 4.33 26.93
C ALA B 322 -4.40 3.32 25.78
N PRO B 323 -4.57 2.02 26.07
CA PRO B 323 -4.66 1.03 25.00
C PRO B 323 -5.93 1.19 24.16
N VAL B 324 -7.00 1.70 24.75
CA VAL B 324 -8.32 1.86 24.09
C VAL B 324 -8.66 3.35 24.08
N ALA B 325 -8.93 3.92 22.92
CA ALA B 325 -9.26 5.36 22.79
C ALA B 325 -10.77 5.58 22.82
N TYR B 326 -11.57 4.52 22.65
CA TYR B 326 -13.04 4.67 22.49
C TYR B 326 -13.78 3.41 22.93
N THR B 327 -14.90 3.61 23.64
CA THR B 327 -15.76 2.56 24.18
C THR B 327 -17.22 2.94 23.98
N LEU B 328 -18.07 1.92 23.88
CA LEU B 328 -19.54 2.02 23.91
C LEU B 328 -20.06 0.91 24.83
N ASP B 329 -21.18 1.20 25.48
CA ASP B 329 -22.00 0.19 26.18
C ASP B 329 -22.37 -0.92 25.19
N ASP B 330 -21.94 -2.16 25.45
CA ASP B 330 -22.35 -3.32 24.64
C ASP B 330 -23.40 -4.16 25.39
N THR B 331 -24.02 -3.61 26.44
CA THR B 331 -25.04 -4.35 27.24
C THR B 331 -26.24 -4.63 26.33
N LYS B 332 -26.94 -5.74 26.53
CA LYS B 332 -28.14 -6.13 25.74
C LYS B 332 -29.31 -5.28 26.19
N PRO B 333 -30.38 -5.18 25.37
CA PRO B 333 -31.50 -4.28 25.66
C PRO B 333 -32.13 -4.52 27.02
N GLU B 334 -31.95 -5.73 27.56
CA GLU B 334 -32.62 -6.21 28.78
C GLU B 334 -31.86 -5.70 30.04
N GLY B 335 -30.67 -5.11 29.86
CA GLY B 335 -29.82 -4.68 30.98
C GLY B 335 -28.92 -5.82 31.37
N ASN B 336 -28.92 -6.91 30.62
CA ASN B 336 -28.09 -8.07 31.00
C ASN B 336 -26.98 -8.26 29.97
N TYR B 337 -26.08 -9.19 30.28
CA TYR B 337 -24.76 -9.38 29.67
C TYR B 337 -24.10 -8.00 29.59
N ALA B 338 -24.08 -7.28 30.71
CA ALA B 338 -23.39 -5.98 30.84
C ALA B 338 -21.97 -6.11 30.28
N ALA B 339 -21.60 -5.15 29.44
CA ALA B 339 -20.32 -5.19 28.71
C ALA B 339 -19.93 -3.79 28.25
N ILE B 340 -18.61 -3.57 28.17
CA ILE B 340 -17.96 -2.43 27.48
C ILE B 340 -17.27 -2.97 26.23
N MET B 341 -17.64 -2.38 25.08
CA MET B 341 -16.94 -2.58 23.78
C MET B 341 -15.85 -1.49 23.69
N GLY B 342 -14.62 -1.91 23.46
CA GLY B 342 -13.48 -0.98 23.26
C GLY B 342 -12.71 -1.35 22.00
N PHE B 343 -12.15 -0.34 21.32
CA PHE B 343 -11.26 -0.50 20.14
C PHE B 343 -9.83 -0.19 20.55
N ILE B 344 -8.91 -1.11 20.27
CA ILE B 344 -7.44 -0.89 20.27
C ILE B 344 -7.06 -0.55 18.83
N LEU B 345 -6.62 0.68 18.59
CA LEU B 345 -6.67 1.31 17.24
C LEU B 345 -5.27 1.42 16.64
N ALA B 346 -5.17 1.06 15.37
CA ALA B 346 -4.05 1.50 14.49
C ALA B 346 -2.73 0.94 15.03
N HIS B 347 -1.71 1.76 15.32
CA HIS B 347 -0.40 1.25 15.84
C HIS B 347 -0.59 0.52 17.17
N LYS B 348 -1.54 0.91 18.04
CA LYS B 348 -1.76 0.18 19.32
C LYS B 348 -2.21 -1.26 19.06
N ALA B 349 -2.90 -1.53 17.95
CA ALA B 349 -3.35 -2.88 17.58
C ALA B 349 -2.11 -3.71 17.23
N ARG B 350 -1.07 -3.08 16.69
CA ARG B 350 0.18 -3.78 16.33
C ARG B 350 1.00 -3.98 17.60
N LYS B 351 1.13 -2.93 18.42
CA LYS B 351 2.00 -2.98 19.62
C LYS B 351 1.45 -3.98 20.64
N LEU B 352 0.14 -3.97 20.94
CA LEU B 352 -0.45 -4.74 22.05
C LEU B 352 -0.85 -6.16 21.60
N ALA B 353 -0.62 -6.51 20.33
CA ALA B 353 -0.83 -7.87 19.78
C ALA B 353 0.16 -8.85 20.42
N ARG B 354 1.39 -8.44 20.73
CA ARG B 354 2.44 -9.27 21.37
C ARG B 354 1.98 -9.74 22.77
N LEU B 355 1.13 -8.98 23.48
CA LEU B 355 0.60 -9.38 24.79
C LEU B 355 -0.26 -10.64 24.63
N THR B 356 -0.54 -11.31 25.75
CA THR B 356 -1.56 -12.38 25.87
C THR B 356 -2.94 -11.74 26.04
N LYS B 357 -3.96 -12.54 25.76
CA LYS B 357 -5.38 -12.21 25.94
C LYS B 357 -5.63 -11.71 27.38
N GLU B 358 -5.06 -12.41 28.36
CA GLU B 358 -5.23 -12.10 29.80
C GLU B 358 -4.56 -10.75 30.06
N GLU B 359 -3.41 -10.47 29.42
CA GLU B 359 -2.67 -9.20 29.63
C GLU B 359 -3.46 -8.02 29.04
N ARG B 360 -4.11 -8.21 27.91
CA ARG B 360 -4.97 -7.17 27.32
C ARG B 360 -6.18 -6.96 28.24
N LEU B 361 -6.83 -8.03 28.70
CA LEU B 361 -7.99 -7.90 29.64
C LEU B 361 -7.58 -7.03 30.84
N LYS B 362 -6.44 -7.34 31.44
CA LYS B 362 -5.97 -6.64 32.66
C LYS B 362 -5.79 -5.16 32.32
N LYS B 363 -5.09 -4.85 31.24
CA LYS B 363 -4.85 -3.43 30.85
C LYS B 363 -6.19 -2.70 30.66
N LEU B 364 -7.15 -3.29 29.95
CA LEU B 364 -8.45 -2.66 29.65
C LEU B 364 -9.20 -2.42 30.95
N CYS B 365 -9.21 -3.43 31.84
CA CYS B 365 -9.95 -3.37 33.13
C CYS B 365 -9.41 -2.19 33.97
N GLU B 366 -8.09 -2.05 34.01
CA GLU B 366 -7.40 -0.99 34.77
C GLU B 366 -7.71 0.40 34.17
N LEU B 367 -7.71 0.50 32.85
CA LEU B 367 -8.05 1.78 32.16
C LEU B 367 -9.51 2.16 32.46
N TYR B 368 -10.41 1.19 32.34
CA TYR B 368 -11.86 1.41 32.54
C TYR B 368 -12.06 1.82 33.99
N ALA B 369 -11.32 1.20 34.90
CA ALA B 369 -11.50 1.49 36.34
C ALA B 369 -11.14 2.95 36.54
N LYS B 370 -10.08 3.39 35.87
CA LYS B 370 -9.59 4.79 36.00
C LYS B 370 -10.64 5.73 35.41
N VAL B 371 -11.12 5.44 34.21
CA VAL B 371 -11.94 6.41 33.43
C VAL B 371 -13.34 6.47 34.06
N LEU B 372 -13.88 5.32 34.44
CA LEU B 372 -15.22 5.21 35.04
C LEU B 372 -15.16 5.52 36.53
N GLY B 373 -13.95 5.65 37.10
CA GLY B 373 -13.72 5.88 38.54
C GLY B 373 -14.45 4.83 39.34
N SER B 374 -14.23 3.56 38.99
CA SER B 374 -14.97 2.45 39.63
C SER B 374 -14.09 1.20 39.72
N LEU B 375 -13.95 0.67 40.92
CA LEU B 375 -13.28 -0.63 41.17
C LEU B 375 -14.05 -1.81 40.55
N GLU B 376 -15.34 -1.68 40.23
CA GLU B 376 -16.15 -2.76 39.63
C GLU B 376 -15.52 -3.16 38.29
N ALA B 377 -14.85 -2.23 37.63
CA ALA B 377 -14.23 -2.45 36.31
C ALA B 377 -13.12 -3.47 36.45
N LEU B 378 -12.66 -3.73 37.70
CA LEU B 378 -11.54 -4.66 37.97
C LEU B 378 -12.06 -6.07 38.17
N GLU B 379 -13.37 -6.31 38.00
CA GLU B 379 -14.05 -7.60 38.32
C GLU B 379 -14.79 -8.10 37.09
N PRO B 380 -14.10 -8.33 35.96
CA PRO B 380 -14.77 -8.88 34.76
C PRO B 380 -15.27 -10.32 34.97
N VAL B 381 -16.38 -10.70 34.36
CA VAL B 381 -16.88 -12.10 34.44
C VAL B 381 -16.54 -12.82 33.15
N HIS B 382 -16.14 -12.10 32.10
CA HIS B 382 -15.90 -12.69 30.76
C HIS B 382 -15.24 -11.64 29.84
N TYR B 383 -14.51 -12.10 28.84
CA TYR B 383 -13.80 -11.27 27.85
C TYR B 383 -13.87 -11.94 26.50
N GLU B 384 -14.17 -11.17 25.48
CA GLU B 384 -14.06 -11.63 24.07
C GLU B 384 -13.30 -10.55 23.31
N GLU B 385 -12.52 -10.95 22.31
CA GLU B 385 -11.71 -10.00 21.51
C GLU B 385 -11.43 -10.64 20.15
N LYS B 386 -11.24 -9.82 19.14
CA LYS B 386 -10.78 -10.26 17.81
C LYS B 386 -9.82 -9.23 17.26
N ASN B 387 -8.63 -9.71 16.90
CA ASN B 387 -7.59 -8.96 16.18
C ASN B 387 -7.83 -9.13 14.69
N TRP B 388 -8.32 -8.10 14.00
CA TRP B 388 -8.67 -8.26 12.58
C TRP B 388 -7.43 -8.18 11.66
N CYS B 389 -6.26 -7.82 12.21
CA CYS B 389 -4.97 -7.73 11.50
C CYS B 389 -4.51 -9.13 11.12
N GLU B 390 -4.99 -10.15 11.80
CA GLU B 390 -4.57 -11.57 11.61
C GLU B 390 -5.20 -12.21 10.38
N GLU B 391 -6.30 -11.63 9.88
CA GLU B 391 -7.25 -12.29 8.93
C GLU B 391 -6.71 -12.27 7.49
N GLN B 392 -6.34 -13.44 7.00
CA GLN B 392 -5.89 -13.65 5.59
C GLN B 392 -6.95 -13.17 4.60
N TYR B 393 -8.24 -13.36 4.89
CA TYR B 393 -9.30 -13.06 3.89
C TYR B 393 -10.10 -11.80 4.31
N SER B 394 -9.56 -10.98 5.19
CA SER B 394 -10.00 -9.56 5.38
C SER B 394 -8.84 -8.58 5.11
N GLY B 395 -7.63 -8.87 5.60
CA GLY B 395 -6.47 -7.95 5.55
C GLY B 395 -6.48 -6.88 6.63
N GLY B 396 -7.60 -6.74 7.33
CA GLY B 396 -7.74 -5.83 8.48
C GLY B 396 -9.18 -5.40 8.64
N CYS B 397 -9.38 -4.25 9.28
CA CYS B 397 -10.70 -3.63 9.51
C CYS B 397 -10.51 -2.19 9.92
N TYR B 398 -11.56 -1.35 9.82
CA TYR B 398 -12.88 -1.69 9.31
C TYR B 398 -12.85 -1.87 7.80
N THR B 399 -11.97 -1.11 7.14
CA THR B 399 -12.02 -0.93 5.68
C THR B 399 -10.66 -0.52 5.14
N THR B 400 -10.62 -0.34 3.83
CA THR B 400 -9.47 0.09 3.03
C THR B 400 -9.25 1.58 3.20
N TYR B 401 -8.00 1.99 3.48
CA TYR B 401 -7.60 3.41 3.51
C TYR B 401 -6.73 3.68 2.29
N PHE B 402 -6.71 4.93 1.84
CA PHE B 402 -5.87 5.38 0.71
C PHE B 402 -4.70 6.20 1.27
N PRO B 403 -3.44 5.71 1.13
CA PRO B 403 -2.28 6.55 1.42
C PRO B 403 -2.20 7.76 0.48
N PRO B 404 -1.40 8.78 0.85
CA PRO B 404 -1.25 9.97 0.02
C PRO B 404 -0.90 9.64 -1.43
N GLY B 405 -1.65 10.22 -2.36
CA GLY B 405 -1.37 10.17 -3.81
C GLY B 405 -2.21 9.14 -4.56
N ILE B 406 -2.85 8.18 -3.88
CA ILE B 406 -3.38 6.98 -4.56
C ILE B 406 -4.78 7.22 -5.11
N LEU B 407 -5.61 7.93 -4.36
CA LEU B 407 -7.06 8.12 -4.66
C LEU B 407 -7.20 8.89 -5.97
N THR B 408 -6.41 9.94 -6.20
CA THR B 408 -6.43 10.74 -7.46
C THR B 408 -5.87 9.93 -8.64
N GLN B 409 -4.87 9.07 -8.43
CA GLN B 409 -4.17 8.32 -9.50
C GLN B 409 -4.91 7.03 -9.86
N TYR B 410 -5.57 6.37 -8.91
CA TYR B 410 -6.13 5.02 -9.11
C TYR B 410 -7.60 4.92 -8.66
N GLY B 411 -8.17 5.95 -8.06
CA GLY B 411 -9.53 5.83 -7.48
C GLY B 411 -10.60 5.46 -8.51
N ARG B 412 -10.54 6.02 -9.72
CA ARG B 412 -11.45 5.73 -10.86
C ARG B 412 -11.53 4.22 -11.14
N VAL B 413 -10.44 3.48 -10.85
CA VAL B 413 -10.31 2.04 -11.23
C VAL B 413 -11.25 1.19 -10.35
N LEU B 414 -11.64 1.63 -9.14
CA LEU B 414 -12.21 0.67 -8.14
C LEU B 414 -13.49 0.00 -8.67
N ARG B 415 -14.37 0.75 -9.29
CA ARG B 415 -15.68 0.24 -9.79
C ARG B 415 -15.66 -0.12 -11.27
N GLN B 416 -14.59 0.18 -11.99
CA GLN B 416 -14.56 -0.04 -13.45
C GLN B 416 -14.57 -1.56 -13.72
N PRO B 417 -15.58 -2.05 -14.47
CA PRO B 417 -15.62 -3.44 -14.88
C PRO B 417 -14.35 -3.85 -15.62
N VAL B 418 -13.89 -5.09 -15.41
CA VAL B 418 -12.82 -5.73 -16.22
C VAL B 418 -13.48 -6.85 -16.99
N ASP B 419 -13.84 -6.55 -18.23
CA ASP B 419 -14.49 -7.48 -19.19
C ASP B 419 -15.82 -7.90 -18.57
N ARG B 420 -15.90 -9.08 -17.93
CA ARG B 420 -17.17 -9.61 -17.37
C ARG B 420 -17.10 -9.69 -15.83
N ILE B 421 -16.07 -9.11 -15.20
CA ILE B 421 -15.96 -8.94 -13.71
C ILE B 421 -16.46 -7.54 -13.33
N TYR B 422 -17.50 -7.48 -12.51
CA TYR B 422 -18.05 -6.26 -11.90
C TYR B 422 -17.63 -6.24 -10.43
N PHE B 423 -17.55 -5.04 -9.82
CA PHE B 423 -16.89 -4.87 -8.51
C PHE B 423 -17.90 -4.35 -7.48
N ALA B 424 -18.07 -5.16 -6.45
CA ALA B 424 -18.90 -4.84 -5.27
C ALA B 424 -17.93 -4.58 -4.13
N GLY B 425 -18.36 -4.82 -2.90
CA GLY B 425 -17.55 -4.57 -1.71
C GLY B 425 -17.80 -3.17 -1.20
N THR B 426 -17.81 -2.97 0.12
CA THR B 426 -18.17 -1.64 0.74
C THR B 426 -17.26 -0.55 0.15
N GLU B 427 -16.03 -0.89 -0.21
CA GLU B 427 -15.00 0.05 -0.75
C GLU B 427 -15.51 0.78 -2.01
N THR B 428 -16.44 0.17 -2.76
CA THR B 428 -16.91 0.74 -4.03
C THR B 428 -18.23 1.49 -3.81
N ALA B 429 -18.68 1.64 -2.58
CA ALA B 429 -19.93 2.39 -2.29
C ALA B 429 -19.67 3.89 -2.40
N THR B 430 -20.72 4.67 -2.54
CA THR B 430 -20.70 6.16 -2.58
C THR B 430 -21.38 6.77 -1.35
N HIS B 431 -22.09 6.00 -0.53
CA HIS B 431 -22.71 6.44 0.76
C HIS B 431 -22.36 5.39 1.81
N TRP B 432 -21.72 5.80 2.93
CA TRP B 432 -21.26 4.88 4.01
C TRP B 432 -20.41 3.77 3.39
N SER B 433 -19.60 4.07 2.40
CA SER B 433 -18.44 3.21 2.05
C SER B 433 -17.67 2.96 3.33
N GLY B 434 -17.28 1.69 3.56
CA GLY B 434 -16.52 1.22 4.72
C GLY B 434 -17.43 0.55 5.73
N TYR B 435 -18.75 0.70 5.53
CA TYR B 435 -19.82 0.23 6.45
C TYR B 435 -20.63 -0.90 5.78
N MET B 436 -21.43 -1.61 6.59
CA MET B 436 -22.39 -2.64 6.12
C MET B 436 -23.36 -1.97 5.15
N GLU B 437 -23.75 -0.73 5.43
CA GLU B 437 -24.58 0.04 4.48
C GLU B 437 -23.87 0.06 3.12
N GLY B 438 -22.62 0.52 3.06
CA GLY B 438 -21.88 0.54 1.79
C GLY B 438 -21.84 -0.84 1.13
N ALA B 439 -21.70 -1.91 1.90
CA ALA B 439 -21.61 -3.28 1.36
C ALA B 439 -22.89 -3.60 0.57
N VAL B 440 -24.04 -3.19 1.09
CA VAL B 440 -25.37 -3.44 0.45
C VAL B 440 -25.45 -2.58 -0.82
N GLU B 441 -25.14 -1.30 -0.73
CA GLU B 441 -25.20 -0.39 -1.89
C GLU B 441 -24.37 -1.01 -3.01
N ALA B 442 -23.13 -1.42 -2.73
CA ALA B 442 -22.16 -1.85 -3.75
C ALA B 442 -22.58 -3.18 -4.37
N GLY B 443 -23.02 -4.16 -3.57
CA GLY B 443 -23.51 -5.46 -4.06
C GLY B 443 -24.75 -5.34 -4.94
N GLU B 444 -25.71 -4.54 -4.53
CA GLU B 444 -26.96 -4.36 -5.32
C GLU B 444 -26.65 -3.63 -6.64
N ARG B 445 -25.72 -2.66 -6.61
CA ARG B 445 -25.34 -1.85 -7.81
C ARG B 445 -24.61 -2.75 -8.81
N ALA B 446 -23.65 -3.58 -8.34
CA ALA B 446 -22.87 -4.49 -9.18
C ALA B 446 -23.80 -5.53 -9.79
N ALA B 447 -24.74 -6.05 -8.99
CA ALA B 447 -25.77 -6.98 -9.48
C ALA B 447 -26.56 -6.31 -10.59
N ARG B 448 -27.01 -5.08 -10.36
CA ARG B 448 -27.82 -4.34 -11.36
C ARG B 448 -26.98 -3.97 -12.61
N GLU B 449 -25.66 -3.77 -12.51
CA GLU B 449 -24.80 -3.55 -13.71
C GLU B 449 -24.84 -4.80 -14.59
N ILE B 450 -24.84 -5.98 -13.99
CA ILE B 450 -24.94 -7.27 -14.73
C ILE B 450 -26.36 -7.44 -15.31
N LEU B 451 -27.42 -7.14 -14.56
CA LEU B 451 -28.79 -7.19 -15.16
C LEU B 451 -28.87 -6.28 -16.38
N HIS B 452 -28.24 -5.10 -16.35
CA HIS B 452 -28.18 -4.16 -17.50
C HIS B 452 -27.34 -4.74 -18.63
N ALA B 453 -26.18 -5.36 -18.34
CA ALA B 453 -25.32 -5.96 -19.37
C ALA B 453 -26.09 -7.08 -20.09
N MET B 454 -27.03 -7.71 -19.40
CA MET B 454 -27.86 -8.81 -19.93
C MET B 454 -29.11 -8.26 -20.65
N GLY B 455 -29.32 -6.94 -20.71
CA GLY B 455 -30.49 -6.34 -21.37
C GLY B 455 -31.76 -6.44 -20.53
N LYS B 456 -31.70 -6.87 -19.26
CA LYS B 456 -32.90 -7.08 -18.39
C LYS B 456 -33.43 -5.76 -17.79
N ILE B 457 -32.59 -4.75 -17.60
CA ILE B 457 -33.04 -3.44 -17.04
C ILE B 457 -32.33 -2.34 -17.81
N PRO B 458 -32.88 -1.11 -17.87
CA PRO B 458 -32.21 0.03 -18.51
C PRO B 458 -31.11 0.67 -17.63
N GLU B 459 -30.24 1.46 -18.26
CA GLU B 459 -29.09 2.13 -17.61
C GLU B 459 -29.50 2.88 -16.34
N ASP B 460 -30.63 3.58 -16.36
CA ASP B 460 -31.04 4.50 -15.26
C ASP B 460 -31.46 3.70 -14.02
N GLU B 461 -31.52 2.36 -14.07
CA GLU B 461 -31.88 1.53 -12.89
C GLU B 461 -30.64 0.84 -12.28
N ILE B 462 -29.43 1.16 -12.73
CA ILE B 462 -28.19 0.60 -12.13
C ILE B 462 -27.97 1.23 -10.76
N TRP B 463 -28.11 2.56 -10.67
CA TRP B 463 -28.05 3.33 -9.42
C TRP B 463 -29.46 3.71 -9.00
N GLN B 464 -29.84 3.29 -7.80
CA GLN B 464 -31.24 3.36 -7.32
C GLN B 464 -31.25 3.95 -5.89
N SER B 465 -31.99 5.03 -5.69
CA SER B 465 -32.21 5.64 -4.36
C SER B 465 -32.91 4.64 -3.46
N GLU B 466 -32.88 4.85 -2.15
CA GLU B 466 -33.47 3.94 -1.13
C GLU B 466 -34.47 4.75 -0.31
N PRO B 467 -35.75 4.33 -0.19
CA PRO B 467 -36.67 5.03 0.72
C PRO B 467 -36.16 5.01 2.16
N GLU B 468 -36.42 6.10 2.90
CA GLU B 468 -36.05 6.22 4.32
C GLU B 468 -36.74 5.11 5.14
N SER B 469 -35.98 4.45 6.01
CA SER B 469 -36.50 3.51 7.03
C SER B 469 -37.62 4.18 7.86
N VAL B 470 -38.80 3.59 7.97
CA VAL B 470 -39.86 4.07 8.91
C VAL B 470 -39.40 3.83 10.36
N ASP B 471 -38.53 2.84 10.60
CA ASP B 471 -38.13 2.40 11.96
C ASP B 471 -36.99 3.27 12.51
N VAL B 472 -36.15 3.81 11.62
CA VAL B 472 -34.92 4.57 12.02
C VAL B 472 -34.86 5.84 11.19
N PRO B 473 -35.83 6.75 11.37
CA PRO B 473 -35.85 8.00 10.62
C PRO B 473 -34.67 8.86 11.04
N ALA B 474 -34.11 9.61 10.10
CA ALA B 474 -32.99 10.55 10.32
C ALA B 474 -33.59 11.90 10.73
N GLN B 475 -33.03 12.53 11.75
CA GLN B 475 -33.29 13.94 12.11
C GLN B 475 -32.21 14.77 11.43
N PRO B 476 -32.57 16.02 11.06
CA PRO B 476 -31.62 16.90 10.40
C PRO B 476 -30.39 17.17 11.29
N ILE B 477 -29.23 17.37 10.65
CA ILE B 477 -27.97 17.89 11.26
C ILE B 477 -28.09 19.41 11.28
N THR B 478 -28.04 20.00 12.46
CA THR B 478 -28.14 21.46 12.63
C THR B 478 -26.82 21.98 13.20
N THR B 479 -26.51 23.24 12.93
CA THR B 479 -25.45 24.03 13.56
C THR B 479 -26.11 25.29 14.15
N THR B 480 -25.42 25.93 15.09
CA THR B 480 -25.78 27.23 15.72
C THR B 480 -25.10 28.37 14.95
N PHE B 481 -25.66 29.58 15.03
CA PHE B 481 -25.09 30.81 14.44
C PHE B 481 -23.60 30.93 14.85
N LEU B 482 -23.29 30.70 16.13
CA LEU B 482 -21.94 30.86 16.71
C LEU B 482 -21.00 29.82 16.09
N GLU B 483 -21.47 28.57 15.94
CA GLU B 483 -20.67 27.48 15.31
C GLU B 483 -20.29 27.90 13.89
N ARG B 484 -21.24 28.45 13.13
CA ARG B 484 -21.04 28.86 11.70
C ARG B 484 -20.07 30.05 11.61
N HIS B 485 -20.06 30.98 12.58
CA HIS B 485 -19.45 32.33 12.43
C HIS B 485 -18.32 32.62 13.43
N LEU B 486 -18.17 31.89 14.53
CA LEU B 486 -16.99 32.17 15.39
C LEU B 486 -15.74 32.00 14.53
N PRO B 487 -14.75 32.90 14.67
CA PRO B 487 -13.52 32.81 13.88
C PRO B 487 -12.61 31.64 14.29
N SER B 488 -11.71 31.24 13.40
CA SER B 488 -10.56 30.36 13.71
C SER B 488 -9.59 31.10 14.65
N VAL B 489 -8.57 30.42 15.19
CA VAL B 489 -7.50 31.08 15.99
C VAL B 489 -6.79 32.11 15.10
N PRO B 490 -6.28 31.74 13.90
CA PRO B 490 -5.65 32.73 13.02
C PRO B 490 -6.65 33.83 12.62
N GLY B 491 -7.93 33.47 12.46
CA GLY B 491 -9.03 34.45 12.35
C GLY B 491 -8.93 35.50 13.44
N LEU B 492 -8.94 35.08 14.71
CA LEU B 492 -8.94 36.00 15.88
C LEU B 492 -7.60 36.76 15.90
N LEU B 493 -6.49 36.15 15.45
CA LEU B 493 -5.14 36.78 15.42
C LEU B 493 -5.12 37.90 14.37
N ARG B 494 -5.48 37.60 13.12
CA ARG B 494 -5.52 38.58 11.99
C ARG B 494 -6.33 39.81 12.43
N LEU B 495 -7.39 39.64 13.23
CA LEU B 495 -8.22 40.76 13.77
C LEU B 495 -7.45 41.64 14.77
N ILE B 496 -6.28 41.23 15.28
CA ILE B 496 -5.53 41.95 16.35
C ILE B 496 -4.17 42.45 15.83
#